data_8RQF
#
_entry.id   8RQF
#
_cell.length_a   1.00
_cell.length_b   1.00
_cell.length_c   1.00
_cell.angle_alpha   90.00
_cell.angle_beta   90.00
_cell.angle_gamma   90.00
#
_symmetry.space_group_name_H-M   'P 1'
#
loop_
_entity.id
_entity.type
_entity.pdbx_description
1 polymer 'Sodium/bile acid cotransporter'
2 polymer 'Heavy chain of Fab3'
3 polymer 'Light chain of Fab3'
4 polymer 'Fab-specific nanobody'
5 polymer Polymerase
6 non-polymer N-tetradecanoylglycine
7 water water
#
loop_
_entity_poly.entity_id
_entity_poly.type
_entity_poly.pdbx_seq_one_letter_code
_entity_poly.pdbx_strand_id
1 'polypeptide(L)'
;MEAHNASAPFNFTLPPNFGKRPTDLALSVILVFMLFFIMLSLGCTMEFSKIKAHLWKPKGLAIALVAQYGIMPLTAFVLG
KVFRLKNIEALAILVCGCSPGGNLSNVFSLAMKGDMNLSIVMTTCSTFCALGMMPLLLYIYSRGIYDGDLKDKVPYKGIV
ISLVLVLIPCTIGIVLKSKRPQYMRYVIKGGMIIILLCSVAVTVLSAINVGKSIMFAMTPLLIATSSLMPFIGFLLGYVL
SALFCLNGRCRRTVSMETGCQNVQLCSTILNVAFPPEVIGPLFFFPLLYMIFQLGEGLLLIAIFWCYEKFKTPKDKTKMI
YTAATTEETIPGALGNGTYKGEDCSPCTA
;
A
2 'polypeptide(L)'
;EISEVQLVESGGGLVQPGGSLRLSCAASGFNVSSSYIHWVRQAPGKGLEWVASISPYYSYTSYADSVKGRFTISADTSKN
TAYLQMNSLRAEDTAVYYCARYQYDYYYSYYAGLDYWGQGTLVTVSSASTKGPSVFPLAPSSKSTSGGTAALGCLVKDYF
PEPVTVSWNSGALTSGVHTFPAVLQSSGLYSLSSVVTVPSSSLGTQTYICNVNHKPSNTKVDKKVEPKSCDKTHT
;
H
3 'polypeptide(L)'
;SDIQMTQSPSSLSASVGDRVTITCRASQSVSSAVAWYQQKPGKAPKLLIYSASSLYSGVPSRFSGSRSGTDFTLTISSLQ
PEDFATYYCQQYRYSLITFGQGTKVEIKRTVAAPSVFIFPPSDSQLKSGTASVVCLLNNFYPREAKVQWKVDNALQSGNS
QESVTEQDSKDSTYSLSSTLTLSKADYEKHKVYACEVTHQGLSSPVTKSFNRGEC
;
L
4 'polypeptide(L)'
;VQLQESGGGLVQPGGSLRLSCAASGRTISRYAMSWFRQAPGKEREFVAVARRSGDGAFYADSVQGRFTVSRDDAKNTVYL
QMNSLKPEDTAVYYCAIDSDTFYSGSYDYWGQGTQVTVSS
;
K
5 'polypeptide(L)' TNLSVPNPLGFFPDHQLDPAFGANSNNPDWDFNPNKDHWPEANKVG B
#
# COMPACT_ATOMS: atom_id res chain seq x y z
N ASN A 11 -14.32 12.29 21.33
CA ASN A 11 -14.12 12.76 22.70
C ASN A 11 -14.34 11.63 23.70
N PHE A 12 -14.28 10.39 23.21
CA PHE A 12 -14.43 9.20 24.04
C PHE A 12 -13.10 8.46 24.08
N THR A 13 -12.59 8.21 25.29
CA THR A 13 -11.36 7.46 25.48
C THR A 13 -11.49 6.60 26.72
N LEU A 14 -11.10 5.33 26.59
CA LEU A 14 -11.15 4.40 27.70
C LEU A 14 -10.11 4.78 28.76
N PRO A 15 -10.27 4.31 29.99
CA PRO A 15 -9.26 4.57 31.01
C PRO A 15 -7.93 3.98 30.60
N PRO A 16 -6.82 4.59 31.03
CA PRO A 16 -5.51 4.19 30.51
C PRO A 16 -5.18 2.73 30.82
N ASN A 17 -4.44 2.11 29.89
CA ASN A 17 -3.99 0.73 30.02
C ASN A 17 -5.15 -0.23 30.19
N PHE A 18 -6.24 0.04 29.47
CA PHE A 18 -7.40 -0.85 29.49
C PHE A 18 -7.03 -2.21 28.90
N GLY A 19 -7.44 -3.28 29.58
CA GLY A 19 -7.18 -4.62 29.13
C GLY A 19 -5.94 -5.28 29.70
N LYS A 20 -5.09 -4.52 30.40
CA LYS A 20 -3.83 -5.06 30.92
C LYS A 20 -3.64 -4.88 32.42
N ARG A 21 -4.47 -4.07 33.08
CA ARG A 21 -4.36 -3.91 34.52
C ARG A 21 -4.77 -5.20 35.24
N PRO A 22 -4.30 -5.41 36.47
CA PRO A 22 -4.57 -6.68 37.15
C PRO A 22 -6.04 -6.98 37.35
N THR A 23 -6.89 -5.96 37.53
CA THR A 23 -8.31 -6.21 37.76
C THR A 23 -8.95 -6.87 36.55
N ASP A 24 -8.59 -6.44 35.33
CA ASP A 24 -9.15 -7.06 34.14
C ASP A 24 -8.71 -8.52 34.01
N LEU A 25 -7.46 -8.80 34.36
CA LEU A 25 -7.01 -10.19 34.38
C LEU A 25 -7.80 -11.00 35.41
N ALA A 26 -8.07 -10.42 36.57
CA ALA A 26 -8.86 -11.12 37.57
C ALA A 26 -10.25 -11.44 37.05
N LEU A 27 -10.89 -10.48 36.38
CA LEU A 27 -12.22 -10.73 35.81
C LEU A 27 -12.17 -11.80 34.72
N SER A 28 -11.17 -11.74 33.84
CA SER A 28 -11.09 -12.71 32.75
C SER A 28 -10.75 -14.11 33.24
N VAL A 29 -10.13 -14.23 34.42
CA VAL A 29 -9.93 -15.55 35.01
C VAL A 29 -11.16 -16.01 35.79
N ILE A 30 -11.89 -15.08 36.41
CA ILE A 30 -13.10 -15.46 37.14
C ILE A 30 -14.17 -15.99 36.19
N LEU A 31 -14.25 -15.40 34.99
CA LEU A 31 -15.27 -15.84 34.04
C LEU A 31 -15.05 -17.29 33.60
N VAL A 32 -13.80 -17.74 33.51
CA VAL A 32 -13.54 -19.12 33.11
C VAL A 32 -14.02 -20.08 34.20
N PHE A 33 -13.82 -19.73 35.47
CA PHE A 33 -14.33 -20.56 36.55
C PHE A 33 -15.86 -20.54 36.57
N MET A 34 -16.46 -19.38 36.30
CA MET A 34 -17.91 -19.33 36.08
C MET A 34 -18.35 -20.35 35.06
N LEU A 35 -17.70 -20.36 33.89
CA LEU A 35 -18.12 -21.27 32.83
C LEU A 35 -17.94 -22.72 33.24
N PHE A 36 -16.78 -23.05 33.82
CA PHE A 36 -16.51 -24.44 34.17
C PHE A 36 -17.51 -24.95 35.21
N PHE A 37 -17.75 -24.16 36.26
CA PHE A 37 -18.65 -24.65 37.31
C PHE A 37 -20.11 -24.63 36.88
N ILE A 38 -20.50 -23.67 36.04
CA ILE A 38 -21.86 -23.70 35.50
C ILE A 38 -22.07 -24.94 34.65
N MET A 39 -21.09 -25.27 33.80
CA MET A 39 -21.22 -26.46 32.96
C MET A 39 -21.22 -27.73 33.80
N LEU A 40 -20.38 -27.79 34.83
CA LEU A 40 -20.35 -28.96 35.70
C LEU A 40 -21.69 -29.13 36.43
N SER A 41 -22.27 -28.02 36.91
CA SER A 41 -23.57 -28.10 37.56
C SER A 41 -24.64 -28.56 36.59
N LEU A 42 -24.64 -28.02 35.37
CA LEU A 42 -25.62 -28.43 34.36
C LEU A 42 -25.42 -29.87 33.91
N GLY A 43 -24.22 -30.42 34.07
CA GLY A 43 -24.01 -31.81 33.75
C GLY A 43 -24.67 -32.78 34.71
N CYS A 44 -25.25 -32.28 35.79
CA CYS A 44 -25.97 -33.11 36.75
C CYS A 44 -27.46 -33.21 36.43
N THR A 45 -27.89 -32.65 35.31
CA THR A 45 -29.29 -32.71 34.88
C THR A 45 -29.51 -33.49 33.60
N MET A 46 -28.51 -33.56 32.73
CA MET A 46 -28.67 -34.17 31.41
C MET A 46 -28.38 -35.67 31.45
N GLU A 47 -28.89 -36.37 30.44
CA GLU A 47 -28.70 -37.80 30.28
C GLU A 47 -28.30 -38.09 28.84
N PHE A 48 -27.39 -39.04 28.65
CA PHE A 48 -26.89 -39.33 27.32
C PHE A 48 -27.96 -39.92 26.41
N SER A 49 -28.78 -40.83 26.95
CA SER A 49 -29.80 -41.49 26.12
C SER A 49 -30.82 -40.49 25.60
N LYS A 50 -31.25 -39.55 26.45
CA LYS A 50 -32.22 -38.56 26.00
C LYS A 50 -31.61 -37.60 24.99
N ILE A 51 -30.31 -37.27 25.12
CA ILE A 51 -29.65 -36.44 24.12
C ILE A 51 -29.59 -37.18 22.78
N LYS A 52 -29.29 -38.48 22.82
CA LYS A 52 -29.28 -39.27 21.60
C LYS A 52 -30.67 -39.32 20.97
N ALA A 53 -31.71 -39.46 21.79
CA ALA A 53 -33.07 -39.47 21.27
C ALA A 53 -33.43 -38.13 20.64
N HIS A 54 -33.05 -37.03 21.28
CA HIS A 54 -33.36 -35.71 20.75
C HIS A 54 -32.54 -35.39 19.50
N LEU A 55 -31.40 -36.03 19.32
CA LEU A 55 -30.62 -35.86 18.09
C LEU A 55 -31.06 -36.79 16.97
N TRP A 56 -31.65 -37.93 17.30
CA TRP A 56 -32.13 -38.87 16.30
C TRP A 56 -33.58 -38.62 15.90
N LYS A 57 -34.28 -37.73 16.60
CA LYS A 57 -35.64 -37.32 16.25
C LYS A 57 -35.69 -35.79 16.27
N PRO A 58 -35.12 -35.14 15.25
CA PRO A 58 -35.00 -33.69 15.26
C PRO A 58 -36.31 -33.01 14.90
N LYS A 59 -37.02 -32.54 15.90
CA LYS A 59 -38.23 -31.77 15.67
C LYS A 59 -38.22 -30.42 16.38
N GLY A 60 -37.63 -30.34 17.58
CA GLY A 60 -37.46 -29.08 18.26
C GLY A 60 -36.16 -28.40 17.92
N LEU A 61 -35.15 -29.20 17.56
CA LEU A 61 -33.85 -28.66 17.19
C LEU A 61 -33.94 -27.82 15.91
N ALA A 62 -34.60 -28.35 14.89
CA ALA A 62 -34.78 -27.59 13.65
C ALA A 62 -35.60 -26.33 13.90
N ILE A 63 -36.60 -26.42 14.78
CA ILE A 63 -37.42 -25.25 15.10
C ILE A 63 -36.56 -24.19 15.78
N ALA A 64 -35.69 -24.61 16.69
CA ALA A 64 -34.81 -23.65 17.37
C ALA A 64 -33.86 -22.99 16.38
N LEU A 65 -33.27 -23.77 15.47
CA LEU A 65 -32.37 -23.20 14.47
C LEU A 65 -33.11 -22.20 13.59
N VAL A 66 -34.29 -22.57 13.11
CA VAL A 66 -35.07 -21.68 12.24
C VAL A 66 -35.43 -20.41 12.99
N ALA A 67 -35.90 -20.54 14.23
CA ALA A 67 -36.29 -19.38 15.01
C ALA A 67 -35.13 -18.43 15.21
N GLN A 68 -33.99 -18.94 15.70
CA GLN A 68 -32.85 -18.07 15.94
C GLN A 68 -32.40 -17.38 14.67
N TYR A 69 -32.12 -18.14 13.61
CA TYR A 69 -31.51 -17.57 12.42
C TYR A 69 -32.51 -16.92 11.47
N GLY A 70 -33.79 -16.93 11.80
CA GLY A 70 -34.75 -16.18 10.99
C GLY A 70 -35.41 -15.05 11.75
N ILE A 71 -35.18 -14.96 13.06
CA ILE A 71 -35.74 -13.90 13.88
C ILE A 71 -34.66 -12.92 14.32
N MET A 72 -33.58 -13.41 14.92
CA MET A 72 -32.59 -12.50 15.48
C MET A 72 -31.92 -11.62 14.42
N PRO A 73 -31.39 -12.14 13.31
CA PRO A 73 -30.81 -11.24 12.30
C PRO A 73 -31.83 -10.29 11.72
N LEU A 74 -33.06 -10.75 11.45
CA LEU A 74 -34.08 -9.87 10.89
C LEU A 74 -34.50 -8.80 11.88
N THR A 75 -34.61 -9.17 13.16
CA THR A 75 -34.90 -8.17 14.18
C THR A 75 -33.79 -7.12 14.26
N ALA A 76 -32.54 -7.56 14.19
CA ALA A 76 -31.43 -6.61 14.21
C ALA A 76 -31.50 -5.67 13.01
N PHE A 77 -31.76 -6.21 11.82
CA PHE A 77 -31.84 -5.39 10.62
C PHE A 77 -32.99 -4.38 10.72
N VAL A 78 -34.16 -4.83 11.17
CA VAL A 78 -35.32 -3.94 11.25
C VAL A 78 -35.10 -2.87 12.31
N LEU A 79 -34.52 -3.23 13.46
CA LEU A 79 -34.23 -2.23 14.48
C LEU A 79 -33.20 -1.22 13.99
N GLY A 80 -32.24 -1.67 13.17
CA GLY A 80 -31.30 -0.73 12.58
C GLY A 80 -31.96 0.22 11.60
N LYS A 81 -32.86 -0.30 10.77
CA LYS A 81 -33.50 0.52 9.75
C LYS A 81 -34.65 1.38 10.28
N VAL A 82 -35.14 1.10 11.47
CA VAL A 82 -36.30 1.82 12.00
C VAL A 82 -35.88 2.98 12.89
N PHE A 83 -34.95 2.74 13.82
CA PHE A 83 -34.51 3.77 14.73
C PHE A 83 -33.63 4.82 14.06
N ARG A 84 -33.27 4.62 12.79
CA ARG A 84 -32.39 5.52 12.05
C ARG A 84 -31.03 5.64 12.73
N LEU A 85 -30.38 4.49 12.87
CA LEU A 85 -29.07 4.41 13.48
C LEU A 85 -27.97 4.69 12.46
N LYS A 86 -26.78 4.98 12.97
CA LYS A 86 -25.62 5.17 12.12
C LYS A 86 -25.24 3.84 11.46
N ASN A 87 -24.32 3.92 10.49
CA ASN A 87 -23.88 2.70 9.82
C ASN A 87 -23.13 1.78 10.78
N ILE A 88 -22.27 2.35 11.62
CA ILE A 88 -21.48 1.51 12.52
C ILE A 88 -22.36 0.87 13.58
N GLU A 89 -23.34 1.62 14.11
CA GLU A 89 -24.23 1.05 15.11
C GLU A 89 -25.09 -0.05 14.53
N ALA A 90 -25.64 0.16 13.33
CA ALA A 90 -26.45 -0.88 12.69
C ALA A 90 -25.61 -2.10 12.37
N LEU A 91 -24.36 -1.90 11.94
CA LEU A 91 -23.49 -3.04 11.67
C LEU A 91 -23.16 -3.81 12.94
N ALA A 92 -22.93 -3.09 14.06
CA ALA A 92 -22.69 -3.76 15.32
C ALA A 92 -23.90 -4.57 15.76
N ILE A 93 -25.09 -4.01 15.63
CA ILE A 93 -26.31 -4.73 15.98
C ILE A 93 -26.44 -5.98 15.12
N LEU A 94 -26.21 -5.85 13.82
CA LEU A 94 -26.35 -6.99 12.91
C LEU A 94 -25.33 -8.08 13.23
N VAL A 95 -24.10 -7.70 13.57
CA VAL A 95 -23.10 -8.69 13.94
C VAL A 95 -23.49 -9.38 15.24
N CYS A 96 -24.09 -8.62 16.17
CA CYS A 96 -24.52 -9.21 17.43
C CYS A 96 -25.80 -10.04 17.30
N GLY A 97 -26.43 -10.04 16.14
CA GLY A 97 -27.64 -10.81 15.93
C GLY A 97 -27.39 -12.20 15.39
N CYS A 98 -26.52 -12.31 14.39
CA CYS A 98 -26.21 -13.60 13.76
C CYS A 98 -25.35 -14.49 14.64
N SER A 99 -24.88 -14.00 15.78
CA SER A 99 -24.02 -14.78 16.65
C SER A 99 -24.76 -16.00 17.20
N PRO A 100 -24.04 -17.05 17.56
CA PRO A 100 -24.69 -18.27 18.06
C PRO A 100 -25.47 -18.02 19.34
N GLY A 101 -26.18 -19.07 19.76
CA GLY A 101 -27.07 -18.94 20.91
C GLY A 101 -26.34 -18.65 22.21
N GLY A 102 -25.14 -19.19 22.37
CA GLY A 102 -24.41 -19.03 23.62
C GLY A 102 -24.81 -20.08 24.64
N ASN A 103 -24.24 -19.96 25.84
CA ASN A 103 -24.44 -20.95 26.89
C ASN A 103 -25.10 -20.36 28.14
N LEU A 104 -25.68 -19.16 28.05
CA LEU A 104 -26.57 -18.69 29.11
C LEU A 104 -27.99 -19.23 28.93
N SER A 105 -28.33 -19.67 27.72
CA SER A 105 -29.63 -20.25 27.47
C SER A 105 -29.84 -21.51 28.31
N ASN A 106 -28.78 -22.26 28.56
CA ASN A 106 -28.90 -23.45 29.39
C ASN A 106 -29.33 -23.09 30.80
N VAL A 107 -28.73 -22.05 31.38
CA VAL A 107 -29.12 -21.62 32.72
C VAL A 107 -30.55 -21.10 32.71
N PHE A 108 -30.91 -20.28 31.73
CA PHE A 108 -32.25 -19.71 31.72
C PHE A 108 -33.32 -20.77 31.43
N SER A 109 -32.95 -21.87 30.76
CA SER A 109 -33.88 -22.97 30.55
C SER A 109 -33.87 -23.96 31.70
N LEU A 110 -32.85 -23.93 32.54
CA LEU A 110 -32.88 -24.64 33.82
C LEU A 110 -33.76 -23.97 34.85
N ALA A 111 -33.75 -22.64 34.89
CA ALA A 111 -34.59 -21.93 35.85
C ALA A 111 -36.08 -21.99 35.50
N MET A 112 -36.44 -22.48 34.32
CA MET A 112 -37.83 -22.50 33.87
C MET A 112 -38.33 -23.90 33.60
N LYS A 113 -37.71 -24.90 34.22
CA LYS A 113 -38.12 -26.29 34.08
C LYS A 113 -38.22 -26.71 32.62
N GLY A 114 -37.12 -26.61 31.87
CA GLY A 114 -37.10 -27.00 30.48
C GLY A 114 -36.50 -28.38 30.30
N ASP A 115 -36.41 -28.80 29.04
CA ASP A 115 -35.76 -30.05 28.68
C ASP A 115 -34.28 -29.77 28.48
N MET A 116 -33.47 -30.11 29.48
CA MET A 116 -32.07 -29.74 29.48
C MET A 116 -31.29 -30.43 28.37
N ASN A 117 -31.65 -31.69 28.15
CA ASN A 117 -30.99 -32.50 27.12
C ASN A 117 -31.18 -31.77 25.80
N LEU A 118 -32.37 -31.29 25.50
CA LEU A 118 -32.46 -30.52 24.24
C LEU A 118 -31.75 -29.17 24.36
N SER A 119 -31.59 -28.56 25.52
CA SER A 119 -30.88 -27.26 25.46
C SER A 119 -29.47 -27.59 25.01
N ILE A 120 -28.87 -28.69 25.41
CA ILE A 120 -27.51 -28.96 24.88
C ILE A 120 -27.57 -29.27 23.38
N VAL A 121 -28.50 -30.04 22.86
CA VAL A 121 -28.49 -30.23 21.39
C VAL A 121 -28.61 -28.86 20.73
N MET A 122 -29.60 -28.04 20.98
CA MET A 122 -29.71 -26.75 20.27
C MET A 122 -28.46 -25.92 20.43
N THR A 123 -27.88 -25.63 21.61
CA THR A 123 -26.62 -24.82 21.67
C THR A 123 -25.41 -25.46 20.97
N THR A 124 -25.02 -26.71 21.18
CA THR A 124 -23.92 -27.32 20.37
C THR A 124 -24.24 -27.29 18.88
N CYS A 125 -25.40 -27.75 18.46
CA CYS A 125 -25.66 -27.67 17.01
C CYS A 125 -25.75 -26.23 16.54
N SER A 126 -26.33 -25.29 17.26
CA SER A 126 -26.42 -23.93 16.68
C SER A 126 -25.11 -23.16 16.84
N THR A 127 -24.05 -23.72 17.44
CA THR A 127 -22.70 -23.07 17.43
C THR A 127 -21.84 -23.81 16.41
N PHE A 128 -22.26 -25.00 15.96
CA PHE A 128 -21.56 -25.68 14.83
C PHE A 128 -22.18 -25.26 13.48
N CYS A 129 -23.49 -25.00 13.35
CA CYS A 129 -24.14 -24.39 12.19
C CYS A 129 -23.74 -22.93 12.04
N ALA A 130 -23.30 -22.30 13.12
CA ALA A 130 -22.85 -20.92 13.03
C ALA A 130 -21.63 -20.79 12.13
N LEU A 131 -20.75 -21.79 12.15
CA LEU A 131 -19.58 -21.78 11.29
C LEU A 131 -19.95 -21.51 9.84
N GLY A 132 -21.01 -22.14 9.37
CA GLY A 132 -21.46 -21.96 8.00
C GLY A 132 -22.37 -20.77 7.79
N MET A 133 -23.26 -20.50 8.75
CA MET A 133 -24.33 -19.52 8.51
C MET A 133 -24.05 -18.14 9.08
N MET A 134 -22.89 -17.90 9.70
CA MET A 134 -22.62 -16.55 10.16
C MET A 134 -22.10 -15.67 9.03
N PRO A 135 -21.08 -16.09 8.26
CA PRO A 135 -20.67 -15.27 7.11
C PRO A 135 -21.73 -15.17 6.03
N LEU A 136 -22.53 -16.22 5.82
CA LEU A 136 -23.59 -16.16 4.83
C LEU A 136 -24.62 -15.10 5.18
N LEU A 137 -25.08 -15.10 6.43
CA LEU A 137 -26.06 -14.10 6.84
C LEU A 137 -25.45 -12.70 6.89
N LEU A 138 -24.18 -12.60 7.26
CA LEU A 138 -23.51 -11.30 7.22
C LEU A 138 -23.45 -10.75 5.80
N TYR A 139 -23.12 -11.61 4.83
CA TYR A 139 -23.04 -11.16 3.44
C TYR A 139 -24.42 -10.83 2.89
N ILE A 140 -25.43 -11.58 3.29
CA ILE A 140 -26.79 -11.32 2.81
C ILE A 140 -27.32 -10.01 3.36
N TYR A 141 -27.09 -9.74 4.65
CA TYR A 141 -27.75 -8.62 5.31
C TYR A 141 -26.92 -7.34 5.32
N SER A 142 -25.59 -7.43 5.31
CA SER A 142 -24.77 -6.23 5.43
C SER A 142 -24.72 -5.40 4.16
N ARG A 143 -25.23 -5.90 3.04
CA ARG A 143 -25.24 -5.12 1.81
C ARG A 143 -26.05 -3.85 2.01
N GLY A 144 -25.50 -2.73 1.54
CA GLY A 144 -26.08 -1.43 1.78
C GLY A 144 -25.66 -0.78 3.07
N ILE A 145 -24.91 -1.49 3.92
CA ILE A 145 -24.39 -0.95 5.18
C ILE A 145 -22.87 -0.90 5.18
N TYR A 146 -22.22 -2.02 4.89
CA TYR A 146 -20.76 -2.10 4.86
C TYR A 146 -20.33 -2.70 3.53
N ASP A 147 -19.48 -1.98 2.81
CA ASP A 147 -18.96 -2.43 1.53
C ASP A 147 -17.61 -3.15 1.65
N GLY A 148 -17.53 -4.13 2.55
CA GLY A 148 -16.28 -4.80 2.83
C GLY A 148 -16.49 -6.27 3.13
N ASP A 149 -15.39 -6.94 3.43
CA ASP A 149 -15.38 -8.36 3.73
C ASP A 149 -15.37 -8.58 5.23
N LEU A 150 -16.40 -9.24 5.75
CA LEU A 150 -16.45 -9.65 7.15
C LEU A 150 -16.46 -11.17 7.28
N LYS A 151 -15.99 -11.88 6.26
CA LYS A 151 -16.02 -13.33 6.25
C LYS A 151 -14.75 -13.97 6.76
N ASP A 152 -13.63 -13.22 6.80
CA ASP A 152 -12.37 -13.74 7.28
C ASP A 152 -12.05 -13.29 8.71
N LYS A 153 -12.99 -12.63 9.38
CA LYS A 153 -12.81 -12.16 10.75
C LYS A 153 -13.66 -12.93 11.75
N VAL A 154 -14.40 -13.94 11.31
CA VAL A 154 -15.19 -14.79 12.19
C VAL A 154 -14.30 -15.89 12.75
N PRO A 155 -14.26 -16.11 14.06
CA PRO A 155 -13.32 -17.09 14.65
C PRO A 155 -13.77 -18.54 14.49
N TYR A 156 -13.47 -19.12 13.32
CA TYR A 156 -13.89 -20.49 13.05
C TYR A 156 -13.15 -21.48 13.95
N LYS A 157 -11.81 -21.40 13.99
CA LYS A 157 -11.05 -22.24 14.89
C LYS A 157 -11.41 -21.96 16.34
N GLY A 158 -11.61 -20.68 16.67
CA GLY A 158 -12.08 -20.34 18.01
C GLY A 158 -13.42 -20.96 18.33
N ILE A 159 -14.34 -20.96 17.35
CA ILE A 159 -15.67 -21.53 17.58
C ILE A 159 -15.56 -23.03 17.87
N VAL A 160 -14.76 -23.74 17.07
CA VAL A 160 -14.64 -25.19 17.27
C VAL A 160 -13.97 -25.50 18.62
N ILE A 161 -12.88 -24.80 18.93
CA ILE A 161 -12.18 -25.03 20.18
C ILE A 161 -13.09 -24.72 21.37
N SER A 162 -13.83 -23.62 21.29
CA SER A 162 -14.76 -23.25 22.36
C SER A 162 -15.85 -24.30 22.52
N LEU A 163 -16.35 -24.84 21.40
CA LEU A 163 -17.37 -25.89 21.49
C LEU A 163 -16.86 -27.10 22.24
N VAL A 164 -15.65 -27.57 21.89
CA VAL A 164 -15.11 -28.75 22.55
C VAL A 164 -14.82 -28.46 24.03
N LEU A 165 -14.20 -27.31 24.31
CA LEU A 165 -13.85 -26.95 25.69
C LEU A 165 -15.07 -26.70 26.55
N VAL A 166 -16.21 -26.33 25.95
CA VAL A 166 -17.44 -26.17 26.71
C VAL A 166 -18.11 -27.52 26.91
N LEU A 167 -18.00 -28.42 25.94
CA LEU A 167 -18.62 -29.73 26.08
C LEU A 167 -17.90 -30.60 27.09
N ILE A 168 -16.61 -30.35 27.34
CA ILE A 168 -15.86 -31.21 28.27
C ILE A 168 -16.44 -31.20 29.68
N PRO A 169 -16.65 -30.06 30.35
CA PRO A 169 -17.19 -30.12 31.72
C PRO A 169 -18.59 -30.71 31.80
N CYS A 170 -19.43 -30.45 30.79
CA CYS A 170 -20.76 -31.03 30.78
C CYS A 170 -20.70 -32.55 30.69
N THR A 171 -19.80 -33.08 29.86
CA THR A 171 -19.61 -34.52 29.80
C THR A 171 -19.11 -35.07 31.14
N ILE A 172 -18.19 -34.35 31.78
CA ILE A 172 -17.70 -34.78 33.10
C ILE A 172 -18.87 -34.90 34.08
N GLY A 173 -19.74 -33.88 34.10
CA GLY A 173 -20.89 -33.93 34.97
C GLY A 173 -21.85 -35.06 34.63
N ILE A 174 -22.04 -35.32 33.34
CA ILE A 174 -22.95 -36.38 32.91
C ILE A 174 -22.45 -37.74 33.40
N VAL A 175 -21.16 -38.01 33.20
CA VAL A 175 -20.61 -39.29 33.67
C VAL A 175 -20.62 -39.37 35.19
N LEU A 176 -20.38 -38.24 35.87
CA LEU A 176 -20.43 -38.25 37.32
C LEU A 176 -21.82 -38.61 37.83
N LYS A 177 -22.86 -38.04 37.20
CA LYS A 177 -24.22 -38.41 37.59
C LYS A 177 -24.52 -39.87 37.26
N SER A 178 -24.08 -40.33 36.09
CA SER A 178 -24.42 -41.70 35.68
C SER A 178 -23.76 -42.74 36.57
N LYS A 179 -22.49 -42.54 36.93
CA LYS A 179 -21.71 -43.58 37.58
C LYS A 179 -21.70 -43.49 39.10
N ARG A 180 -21.39 -42.32 39.65
CA ARG A 180 -21.18 -42.15 41.09
C ARG A 180 -22.09 -41.05 41.62
N PRO A 181 -23.34 -41.38 41.94
CA PRO A 181 -24.26 -40.38 42.50
C PRO A 181 -24.09 -40.12 43.99
N GLN A 182 -23.07 -40.71 44.63
CA GLN A 182 -22.87 -40.48 46.06
C GLN A 182 -22.47 -39.04 46.34
N TYR A 183 -21.59 -38.47 45.51
CA TYR A 183 -21.07 -37.14 45.70
C TYR A 183 -21.83 -36.08 44.91
N MET A 184 -22.97 -36.45 44.31
CA MET A 184 -23.70 -35.52 43.45
C MET A 184 -24.22 -34.32 44.24
N ARG A 185 -24.75 -34.55 45.44
CA ARG A 185 -25.28 -33.44 46.23
C ARG A 185 -24.18 -32.47 46.64
N TYR A 186 -23.03 -33.00 47.08
CA TYR A 186 -21.92 -32.13 47.43
C TYR A 186 -21.42 -31.37 46.21
N VAL A 187 -21.35 -32.04 45.06
CA VAL A 187 -20.87 -31.39 43.85
C VAL A 187 -21.79 -30.26 43.43
N ILE A 188 -23.10 -30.50 43.47
CA ILE A 188 -24.05 -29.47 43.04
C ILE A 188 -24.07 -28.31 44.04
N LYS A 189 -23.95 -28.59 45.34
CA LYS A 189 -23.91 -27.52 46.32
C LYS A 189 -22.66 -26.67 46.14
N GLY A 190 -21.51 -27.31 45.94
CA GLY A 190 -20.29 -26.57 45.67
C GLY A 190 -20.37 -25.74 44.40
N GLY A 191 -20.96 -26.33 43.36
CA GLY A 191 -21.14 -25.58 42.13
C GLY A 191 -22.00 -24.34 42.32
N MET A 192 -23.11 -24.48 43.03
CA MET A 192 -23.99 -23.33 43.26
C MET A 192 -23.28 -22.25 44.08
N ILE A 193 -22.58 -22.65 45.14
CA ILE A 193 -21.94 -21.64 45.99
C ILE A 193 -20.81 -20.95 45.24
N ILE A 194 -20.05 -21.70 44.43
CA ILE A 194 -18.96 -21.10 43.67
C ILE A 194 -19.52 -20.16 42.61
N ILE A 195 -20.62 -20.54 41.96
CA ILE A 195 -21.23 -19.66 40.96
C ILE A 195 -21.72 -18.38 41.61
N LEU A 196 -22.34 -18.48 42.78
CA LEU A 196 -22.80 -17.28 43.47
C LEU A 196 -21.63 -16.37 43.82
N LEU A 197 -20.57 -16.93 44.40
CA LEU A 197 -19.42 -16.12 44.80
C LEU A 197 -18.77 -15.47 43.59
N CYS A 198 -18.60 -16.22 42.51
CA CYS A 198 -17.98 -15.66 41.31
C CYS A 198 -18.86 -14.62 40.65
N SER A 199 -20.18 -14.73 40.79
CA SER A 199 -21.06 -13.70 40.25
C SER A 199 -20.95 -12.40 41.04
N VAL A 200 -20.93 -12.49 42.36
CA VAL A 200 -20.71 -11.29 43.18
C VAL A 200 -19.34 -10.68 42.86
N ALA A 201 -18.35 -11.52 42.58
CA ALA A 201 -17.05 -11.00 42.20
C ALA A 201 -17.11 -10.29 40.83
N VAL A 202 -17.79 -10.91 39.86
CA VAL A 202 -17.81 -10.40 38.50
C VAL A 202 -18.52 -9.05 38.44
N THR A 203 -19.63 -8.90 39.16
CA THR A 203 -20.36 -7.64 39.09
C THR A 203 -19.49 -6.48 39.54
N VAL A 204 -18.87 -6.60 40.71
CA VAL A 204 -18.07 -5.50 41.25
C VAL A 204 -16.80 -5.32 40.42
N LEU A 205 -16.20 -6.40 39.93
CA LEU A 205 -14.99 -6.27 39.13
C LEU A 205 -15.27 -5.55 37.82
N SER A 206 -16.38 -5.90 37.16
CA SER A 206 -16.76 -5.21 35.93
C SER A 206 -17.08 -3.75 36.20
N ALA A 207 -17.75 -3.46 37.32
CA ALA A 207 -18.05 -2.07 37.65
C ALA A 207 -16.75 -1.27 37.81
N ILE A 208 -15.79 -1.81 38.57
CA ILE A 208 -14.53 -1.11 38.78
C ILE A 208 -13.77 -0.95 37.48
N ASN A 209 -13.74 -2.01 36.66
CA ASN A 209 -13.04 -1.95 35.39
C ASN A 209 -13.62 -0.89 34.47
N VAL A 210 -14.94 -0.85 34.34
CA VAL A 210 -15.57 0.07 33.41
C VAL A 210 -15.44 1.51 33.91
N GLY A 211 -15.68 1.74 35.20
CA GLY A 211 -15.54 3.08 35.73
C GLY A 211 -16.56 4.04 35.14
N LYS A 212 -16.10 5.24 34.80
CA LYS A 212 -16.96 6.30 34.28
C LYS A 212 -17.04 6.32 32.76
N SER A 213 -16.38 5.39 32.07
CA SER A 213 -16.37 5.39 30.61
C SER A 213 -17.68 4.86 30.02
N ILE A 214 -18.55 4.26 30.82
CA ILE A 214 -19.82 3.76 30.28
C ILE A 214 -20.84 4.87 30.09
N MET A 215 -20.66 6.02 30.76
CA MET A 215 -21.59 7.12 30.60
C MET A 215 -21.60 7.68 29.19
N PHE A 216 -20.57 7.37 28.39
CA PHE A 216 -20.51 7.77 26.99
C PHE A 216 -21.17 6.77 26.05
N ALA A 217 -21.56 5.61 26.55
CA ALA A 217 -22.14 4.54 25.74
C ALA A 217 -23.57 4.24 26.16
N MET A 218 -24.33 5.29 26.49
CA MET A 218 -25.72 5.16 26.88
C MET A 218 -26.60 6.09 26.07
N THR A 219 -26.37 6.15 24.77
CA THR A 219 -27.23 6.91 23.88
C THR A 219 -28.63 6.29 23.90
N PRO A 220 -29.69 7.11 23.89
CA PRO A 220 -31.05 6.54 23.95
C PRO A 220 -31.32 5.52 22.86
N LEU A 221 -30.81 5.73 21.64
CA LEU A 221 -30.99 4.73 20.59
C LEU A 221 -30.30 3.42 20.94
N LEU A 222 -29.08 3.50 21.48
CA LEU A 222 -28.34 2.29 21.83
C LEU A 222 -29.07 1.50 22.92
N ILE A 223 -29.50 2.19 23.98
CA ILE A 223 -30.20 1.52 25.07
C ILE A 223 -31.51 0.94 24.56
N ALA A 224 -32.25 1.72 23.77
CA ALA A 224 -33.54 1.25 23.26
C ALA A 224 -33.38 0.00 22.42
N THR A 225 -32.40 -0.02 21.52
CA THR A 225 -32.23 -1.18 20.65
C THR A 225 -31.73 -2.39 21.42
N SER A 226 -30.75 -2.18 22.31
CA SER A 226 -30.20 -3.27 23.09
C SER A 226 -31.19 -3.82 24.11
N SER A 227 -32.23 -3.05 24.45
CA SER A 227 -33.28 -3.54 25.33
C SER A 227 -34.47 -4.11 24.59
N LEU A 228 -34.68 -3.70 23.34
CA LEU A 228 -35.79 -4.22 22.55
C LEU A 228 -35.43 -5.50 21.81
N MET A 229 -34.16 -5.71 21.50
CA MET A 229 -33.77 -6.93 20.78
C MET A 229 -34.02 -8.20 21.58
N PRO A 230 -33.58 -8.33 22.84
CA PRO A 230 -33.80 -9.61 23.53
C PRO A 230 -35.26 -9.90 23.83
N PHE A 231 -36.05 -8.88 24.19
CA PHE A 231 -37.46 -9.11 24.46
C PHE A 231 -38.19 -9.57 23.21
N ILE A 232 -37.90 -8.94 22.06
CA ILE A 232 -38.51 -9.37 20.81
C ILE A 232 -38.07 -10.78 20.46
N GLY A 233 -36.80 -11.10 20.71
CA GLY A 233 -36.34 -12.47 20.48
C GLY A 233 -37.10 -13.47 21.31
N PHE A 234 -37.26 -13.19 22.60
CA PHE A 234 -38.03 -14.07 23.47
C PHE A 234 -39.45 -14.26 22.97
N LEU A 235 -40.15 -13.15 22.71
CA LEU A 235 -41.55 -13.21 22.30
C LEU A 235 -41.72 -14.00 21.00
N LEU A 236 -40.90 -13.68 19.99
CA LEU A 236 -41.06 -14.30 18.69
C LEU A 236 -40.67 -15.78 18.73
N GLY A 237 -39.62 -16.11 19.49
CA GLY A 237 -39.27 -17.52 19.64
C GLY A 237 -40.39 -18.31 20.28
N TYR A 238 -40.97 -17.78 21.36
CA TYR A 238 -42.08 -18.46 22.01
C TYR A 238 -43.27 -18.61 21.07
N VAL A 239 -43.62 -17.54 20.34
CA VAL A 239 -44.78 -17.59 19.47
C VAL A 239 -44.58 -18.60 18.36
N LEU A 240 -43.42 -18.56 17.70
CA LEU A 240 -43.17 -19.48 16.61
C LEU A 240 -43.08 -20.93 17.09
N SER A 241 -42.50 -21.17 18.26
CA SER A 241 -42.48 -22.52 18.80
C SER A 241 -43.89 -23.01 19.14
N ALA A 242 -44.73 -22.11 19.67
CA ALA A 242 -46.10 -22.48 20.00
C ALA A 242 -46.93 -22.74 18.75
N LEU A 243 -46.57 -22.11 17.63
CA LEU A 243 -47.28 -22.35 16.38
C LEU A 243 -47.18 -23.81 15.94
N PHE A 244 -46.12 -24.50 16.35
CA PHE A 244 -45.91 -25.90 16.00
C PHE A 244 -46.37 -26.84 17.11
N CYS A 245 -47.27 -26.38 17.98
CA CYS A 245 -47.86 -27.17 19.07
C CYS A 245 -46.84 -28.02 19.82
N LEU A 246 -45.90 -27.35 20.49
CA LEU A 246 -44.99 -28.03 21.38
C LEU A 246 -45.53 -28.03 22.82
N ASN A 247 -44.89 -28.84 23.66
CA ASN A 247 -45.52 -29.41 24.86
C ASN A 247 -45.49 -28.47 26.07
N GLY A 248 -44.92 -27.28 25.91
CA GLY A 248 -44.88 -26.29 26.95
C GLY A 248 -43.53 -26.09 27.60
N ARG A 249 -42.66 -27.09 27.55
CA ARG A 249 -41.30 -26.99 28.06
C ARG A 249 -40.29 -26.73 26.96
N CYS A 250 -40.41 -27.46 25.85
CA CYS A 250 -39.61 -27.16 24.67
C CYS A 250 -39.86 -25.75 24.18
N ARG A 251 -41.08 -25.25 24.33
CA ARG A 251 -41.37 -23.88 23.93
C ARG A 251 -40.58 -22.87 24.74
N ARG A 252 -40.49 -23.08 26.06
CA ARG A 252 -39.72 -22.16 26.89
C ARG A 252 -38.22 -22.28 26.62
N THR A 253 -37.74 -23.50 26.38
CA THR A 253 -36.33 -23.67 26.04
C THR A 253 -36.00 -22.97 24.72
N VAL A 254 -36.87 -23.11 23.72
CA VAL A 254 -36.66 -22.45 22.44
C VAL A 254 -36.69 -20.93 22.61
N SER A 255 -37.62 -20.43 23.42
CA SER A 255 -37.70 -18.99 23.65
C SER A 255 -36.43 -18.45 24.30
N MET A 256 -35.95 -19.13 25.34
CA MET A 256 -34.76 -18.66 26.05
C MET A 256 -33.46 -19.01 25.35
N GLU A 257 -33.51 -19.65 24.20
CA GLU A 257 -32.29 -19.88 23.40
C GLU A 257 -32.33 -18.91 22.23
N THR A 258 -33.51 -18.55 21.78
CA THR A 258 -33.61 -17.51 20.76
C THR A 258 -33.27 -16.15 21.34
N GLY A 259 -33.70 -15.88 22.57
CA GLY A 259 -33.44 -14.58 23.16
C GLY A 259 -31.97 -14.34 23.45
N CYS A 260 -31.30 -15.32 24.06
CA CYS A 260 -29.92 -15.14 24.50
C CYS A 260 -28.95 -15.41 23.35
N GLN A 261 -27.86 -14.65 23.33
CA GLN A 261 -26.89 -14.68 22.25
C GLN A 261 -25.47 -14.79 22.80
N ASN A 262 -24.59 -15.39 22.00
CA ASN A 262 -23.16 -15.40 22.28
C ASN A 262 -22.61 -14.02 21.95
N VAL A 263 -22.48 -13.18 22.97
CA VAL A 263 -22.16 -11.77 22.77
C VAL A 263 -20.69 -11.53 22.44
N GLN A 264 -19.80 -12.40 22.92
CA GLN A 264 -18.36 -12.15 22.79
C GLN A 264 -17.91 -12.14 21.33
N LEU A 265 -18.64 -12.83 20.45
CA LEU A 265 -18.24 -12.89 19.04
C LEU A 265 -18.31 -11.52 18.39
N CYS A 266 -19.38 -10.75 18.68
CA CYS A 266 -19.47 -9.39 18.15
C CYS A 266 -18.31 -8.52 18.61
N SER A 267 -17.94 -8.63 19.88
CA SER A 267 -16.84 -7.85 20.42
C SER A 267 -15.50 -8.24 19.82
N THR A 268 -15.28 -9.53 19.54
CA THR A 268 -14.02 -9.93 18.93
C THR A 268 -14.00 -9.75 17.42
N ILE A 269 -15.16 -9.52 16.79
CA ILE A 269 -15.19 -9.21 15.36
C ILE A 269 -15.03 -7.72 15.11
N LEU A 270 -15.73 -6.88 15.90
CA LEU A 270 -15.61 -5.44 15.72
C LEU A 270 -14.19 -4.96 15.98
N ASN A 271 -13.54 -5.51 17.00
CA ASN A 271 -12.17 -5.08 17.32
C ASN A 271 -11.19 -5.49 16.24
N VAL A 272 -11.39 -6.66 15.64
CA VAL A 272 -10.52 -7.11 14.56
C VAL A 272 -10.74 -6.26 13.30
N ALA A 273 -12.00 -5.95 13.00
CA ALA A 273 -12.30 -5.27 11.75
C ALA A 273 -12.02 -3.77 11.80
N PHE A 274 -12.27 -3.12 12.94
CA PHE A 274 -12.26 -1.67 12.96
C PHE A 274 -11.32 -1.12 14.03
N PRO A 275 -10.77 0.08 13.83
CA PRO A 275 -9.84 0.66 14.80
C PRO A 275 -10.57 1.16 16.02
N PRO A 276 -9.85 1.45 17.11
CA PRO A 276 -10.53 1.92 18.33
C PRO A 276 -11.27 3.23 18.18
N GLU A 277 -10.93 4.05 17.19
CA GLU A 277 -11.60 5.34 17.05
C GLU A 277 -12.88 5.26 16.22
N VAL A 278 -12.96 4.32 15.28
CA VAL A 278 -14.18 4.14 14.51
C VAL A 278 -15.28 3.52 15.39
N ILE A 279 -14.91 2.54 16.21
CA ILE A 279 -15.89 1.86 17.06
C ILE A 279 -16.50 2.84 18.06
N GLY A 280 -15.66 3.58 18.77
CA GLY A 280 -16.14 4.53 19.75
C GLY A 280 -16.84 3.88 20.92
N PRO A 281 -18.02 4.40 21.29
CA PRO A 281 -18.75 3.84 22.43
C PRO A 281 -19.26 2.43 22.21
N LEU A 282 -19.23 1.91 20.99
CA LEU A 282 -19.74 0.57 20.71
C LEU A 282 -18.87 -0.51 21.32
N PHE A 283 -17.71 -0.16 21.88
CA PHE A 283 -16.93 -1.15 22.63
C PHE A 283 -17.73 -1.71 23.80
N PHE A 284 -18.66 -0.93 24.34
CA PHE A 284 -19.48 -1.34 25.48
C PHE A 284 -20.84 -1.91 25.11
N PHE A 285 -21.22 -1.89 23.83
CA PHE A 285 -22.53 -2.43 23.46
C PHE A 285 -22.70 -3.90 23.84
N PRO A 286 -21.72 -4.79 23.65
CA PRO A 286 -21.88 -6.16 24.16
C PRO A 286 -22.20 -6.22 25.64
N LEU A 287 -21.60 -5.34 26.44
CA LEU A 287 -21.92 -5.30 27.86
C LEU A 287 -23.37 -4.88 28.10
N LEU A 288 -23.86 -3.90 27.33
CA LEU A 288 -25.26 -3.50 27.46
C LEU A 288 -26.20 -4.64 27.08
N TYR A 289 -25.87 -5.37 26.02
CA TYR A 289 -26.68 -6.52 25.65
C TYR A 289 -26.69 -7.56 26.77
N MET A 290 -25.52 -7.83 27.36
CA MET A 290 -25.46 -8.82 28.44
C MET A 290 -26.27 -8.38 29.65
N ILE A 291 -26.13 -7.12 30.12
CA ILE A 291 -26.83 -6.55 31.32
C ILE A 291 -28.29 -6.28 31.07
N PHE A 292 -28.78 -6.24 29.85
CA PHE A 292 -30.21 -6.20 29.59
C PHE A 292 -30.81 -7.59 29.41
N GLN A 293 -30.06 -8.52 28.80
CA GLN A 293 -30.59 -9.88 28.67
C GLN A 293 -30.63 -10.57 30.03
N LEU A 294 -29.66 -10.29 30.90
CA LEU A 294 -29.72 -10.83 32.27
C LEU A 294 -30.94 -10.29 33.00
N GLY A 295 -31.16 -8.98 32.92
CA GLY A 295 -32.34 -8.40 33.54
C GLY A 295 -33.65 -8.96 33.03
N GLU A 296 -33.80 -9.09 31.71
CA GLU A 296 -35.03 -9.63 31.14
C GLU A 296 -35.20 -11.11 31.48
N GLY A 297 -34.13 -11.89 31.49
CA GLY A 297 -34.24 -13.28 31.91
C GLY A 297 -34.69 -13.42 33.34
N LEU A 298 -34.10 -12.63 34.24
CA LEU A 298 -34.52 -12.68 35.65
C LEU A 298 -35.97 -12.24 35.80
N LEU A 299 -36.37 -11.19 35.08
CA LEU A 299 -37.76 -10.73 35.15
C LEU A 299 -38.72 -11.81 34.67
N LEU A 300 -38.41 -12.47 33.56
CA LEU A 300 -39.27 -13.51 33.04
C LEU A 300 -39.29 -14.72 33.97
N ILE A 301 -38.17 -15.03 34.62
CA ILE A 301 -38.14 -16.13 35.59
C ILE A 301 -39.06 -15.83 36.76
N ALA A 302 -39.00 -14.59 37.27
CA ALA A 302 -39.87 -14.20 38.37
C ALA A 302 -41.34 -14.26 37.96
N ILE A 303 -41.65 -13.77 36.75
CA ILE A 303 -43.03 -13.81 36.27
C ILE A 303 -43.52 -15.26 36.14
N PHE A 304 -42.67 -16.13 35.58
CA PHE A 304 -43.06 -17.52 35.41
C PHE A 304 -43.30 -18.21 36.76
N TRP A 305 -42.44 -17.95 37.75
CA TRP A 305 -42.62 -18.61 39.04
C TRP A 305 -43.85 -18.06 39.75
N CYS A 306 -44.13 -16.77 39.61
CA CYS A 306 -45.35 -16.22 40.18
C CYS A 306 -46.59 -16.85 39.54
N TYR A 307 -46.54 -17.07 38.22
CA TYR A 307 -47.65 -17.75 37.55
C TYR A 307 -47.79 -19.20 38.03
N GLU A 308 -46.66 -19.91 38.16
CA GLU A 308 -46.70 -21.31 38.57
C GLU A 308 -47.21 -21.45 39.99
N LYS A 309 -46.96 -20.46 40.84
CA LYS A 309 -47.50 -20.50 42.19
C LYS A 309 -49.02 -20.50 42.18
N PHE A 310 -49.63 -19.69 41.32
CA PHE A 310 -51.08 -19.55 41.28
C PHE A 310 -51.77 -20.62 40.44
N LYS A 311 -51.02 -21.42 39.69
CA LYS A 311 -51.61 -22.45 38.84
C LYS A 311 -51.53 -23.83 39.50
N VAL B 5 2.67 26.57 12.21
CA VAL B 5 2.71 25.11 12.23
C VAL B 5 3.90 24.60 11.41
N GLN B 6 4.68 23.71 12.02
CA GLN B 6 5.83 23.13 11.34
C GLN B 6 6.29 21.91 12.12
N LEU B 7 6.84 20.94 11.38
CA LEU B 7 7.44 19.74 11.96
C LEU B 7 8.94 19.73 11.62
N VAL B 8 9.76 19.35 12.59
CA VAL B 8 11.21 19.30 12.44
C VAL B 8 11.69 17.91 12.84
N GLU B 9 12.55 17.33 12.00
CA GLU B 9 13.17 16.05 12.31
C GLU B 9 14.61 16.25 12.75
N SER B 10 15.13 15.24 13.46
CA SER B 10 16.52 15.21 13.88
C SER B 10 16.91 13.77 14.15
N GLY B 11 18.22 13.53 14.19
CA GLY B 11 18.74 12.21 14.47
C GLY B 11 19.20 11.42 13.26
N GLY B 12 19.22 12.01 12.07
CA GLY B 12 19.70 11.32 10.90
C GLY B 12 21.22 11.22 10.90
N GLY B 13 21.72 10.05 10.52
CA GLY B 13 23.15 9.84 10.50
C GLY B 13 23.50 8.48 9.94
N LEU B 14 24.74 8.08 10.17
CA LEU B 14 25.27 6.81 9.67
C LEU B 14 25.14 5.74 10.75
N VAL B 15 24.58 4.60 10.38
CA VAL B 15 24.34 3.49 11.30
C VAL B 15 24.85 2.22 10.66
N GLN B 16 25.64 1.45 11.41
CA GLN B 16 26.09 0.16 10.91
C GLN B 16 24.91 -0.81 10.85
N PRO B 17 24.96 -1.79 9.93
CA PRO B 17 23.87 -2.76 9.85
C PRO B 17 23.71 -3.52 11.16
N GLY B 18 22.46 -3.75 11.55
CA GLY B 18 22.16 -4.32 12.84
C GLY B 18 22.11 -3.34 13.98
N GLY B 19 22.39 -2.06 13.73
CA GLY B 19 22.38 -1.04 14.76
C GLY B 19 21.00 -0.48 15.00
N SER B 20 20.95 0.55 15.83
CA SER B 20 19.69 1.19 16.20
C SER B 20 19.86 2.71 16.17
N LEU B 21 18.84 3.39 15.66
CA LEU B 21 18.83 4.84 15.56
C LEU B 21 17.47 5.36 16.00
N ARG B 22 17.45 6.56 16.57
CA ARG B 22 16.23 7.19 17.03
C ARG B 22 16.02 8.49 16.26
N LEU B 23 14.84 8.65 15.68
CA LEU B 23 14.46 9.85 14.96
C LEU B 23 13.40 10.59 15.77
N SER B 24 13.58 11.88 15.94
CA SER B 24 12.65 12.71 16.69
C SER B 24 11.93 13.67 15.75
N CYS B 25 10.66 13.94 16.04
CA CYS B 25 9.81 14.79 15.21
C CYS B 25 9.25 15.88 16.14
N ALA B 26 9.99 16.97 16.29
CA ALA B 26 9.63 18.03 17.24
C ALA B 26 8.50 18.87 16.65
N ALA B 27 7.27 18.38 16.85
CA ALA B 27 6.11 19.09 16.37
C ALA B 27 5.91 20.41 17.13
N SER B 28 5.58 21.46 16.40
CA SER B 28 5.32 22.76 16.99
C SER B 28 4.10 23.38 16.32
N GLY B 29 3.40 24.22 17.06
CA GLY B 29 2.20 24.86 16.58
C GLY B 29 0.90 24.14 16.91
N PHE B 30 0.98 22.88 17.35
CA PHE B 30 -0.19 22.14 17.77
C PHE B 30 0.24 21.15 18.85
N ASN B 31 -0.66 20.22 19.19
CA ASN B 31 -0.41 19.25 20.24
C ASN B 31 -0.47 17.84 19.66
N VAL B 32 0.57 17.05 19.91
CA VAL B 32 0.64 15.67 19.43
C VAL B 32 -0.35 14.77 20.16
N SER B 33 -0.86 15.19 21.31
CA SER B 33 -1.75 14.36 22.10
C SER B 33 -3.05 14.03 21.36
N SER B 34 -3.37 14.78 20.31
CA SER B 34 -4.56 14.51 19.52
C SER B 34 -4.29 14.25 18.04
N SER B 35 -3.16 14.71 17.51
CA SER B 35 -2.88 14.60 16.09
C SER B 35 -2.57 13.15 15.72
N TYR B 36 -2.26 12.96 14.43
CA TYR B 36 -2.05 11.64 13.84
C TYR B 36 -0.74 11.72 13.05
N ILE B 37 0.37 11.40 13.71
CA ILE B 37 1.71 11.59 13.15
C ILE B 37 2.12 10.37 12.35
N HIS B 38 2.64 10.59 11.15
CA HIS B 38 3.07 9.52 10.25
C HIS B 38 4.55 9.67 9.95
N TRP B 39 5.16 8.55 9.56
CA TRP B 39 6.54 8.52 9.09
C TRP B 39 6.57 7.94 7.68
N VAL B 40 7.14 8.70 6.74
CA VAL B 40 7.18 8.33 5.33
C VAL B 40 8.63 8.31 4.87
N ARG B 41 9.03 7.20 4.24
CA ARG B 41 10.41 6.98 3.83
C ARG B 41 10.51 6.98 2.32
N GLN B 42 11.53 7.67 1.80
CA GLN B 42 11.80 7.72 0.36
C GLN B 42 13.21 7.19 0.12
N ALA B 43 13.29 6.01 -0.51
CA ALA B 43 14.59 5.46 -0.88
C ALA B 43 15.26 6.37 -1.89
N PRO B 44 16.60 6.35 -1.95
CA PRO B 44 17.30 7.23 -2.90
C PRO B 44 16.97 6.89 -4.35
N GLY B 45 16.30 7.81 -5.03
CA GLY B 45 15.88 7.57 -6.39
C GLY B 45 14.71 6.62 -6.55
N LYS B 46 13.78 6.62 -5.61
CA LYS B 46 12.61 5.75 -5.68
C LYS B 46 11.39 6.52 -5.19
N GLY B 47 10.22 5.89 -5.31
CA GLY B 47 8.99 6.51 -4.86
C GLY B 47 8.81 6.46 -3.36
N LEU B 48 7.81 7.22 -2.90
CA LEU B 48 7.55 7.31 -1.47
C LEU B 48 7.06 5.97 -0.92
N GLU B 49 7.42 5.71 0.33
CA GLU B 49 6.97 4.51 1.02
C GLU B 49 6.51 4.88 2.42
N TRP B 50 5.65 4.04 2.98
CA TRP B 50 5.08 4.25 4.30
C TRP B 50 5.78 3.38 5.33
N VAL B 51 5.90 3.90 6.56
CA VAL B 51 6.66 3.21 7.59
C VAL B 51 5.80 2.89 8.81
N ALA B 52 5.30 3.92 9.49
CA ALA B 52 4.58 3.71 10.74
C ALA B 52 3.72 4.92 11.05
N SER B 53 2.73 4.70 11.91
CA SER B 53 1.79 5.74 12.31
C SER B 53 1.47 5.62 13.79
N ILE B 54 1.07 6.74 14.39
CA ILE B 54 0.73 6.80 15.80
C ILE B 54 -0.50 7.68 15.98
N SER B 55 -1.41 7.26 16.85
CA SER B 55 -2.57 8.06 17.26
C SER B 55 -2.56 8.12 18.77
N PRO B 56 -1.85 9.09 19.36
CA PRO B 56 -1.64 9.07 20.81
C PRO B 56 -2.91 9.12 21.64
N TYR B 57 -3.95 9.81 21.17
CA TYR B 57 -5.18 9.93 21.95
C TYR B 57 -5.81 8.56 22.20
N TYR B 58 -5.90 7.74 21.15
CA TYR B 58 -6.41 6.38 21.27
C TYR B 58 -5.32 5.35 21.49
N SER B 59 -4.05 5.75 21.44
CA SER B 59 -2.91 4.84 21.59
C SER B 59 -3.01 3.67 20.62
N TYR B 60 -3.43 3.97 19.39
CA TYR B 60 -3.54 2.98 18.33
C TYR B 60 -2.35 3.15 17.38
N THR B 61 -1.62 2.06 17.17
CA THR B 61 -0.34 2.11 16.45
C THR B 61 -0.31 1.01 15.40
N SER B 62 0.08 1.37 14.17
CA SER B 62 0.17 0.42 13.08
C SER B 62 1.46 0.65 12.30
N TYR B 63 2.11 -0.43 11.90
CA TYR B 63 3.36 -0.38 11.15
C TYR B 63 3.18 -1.04 9.80
N ALA B 64 4.08 -0.70 8.87
CA ALA B 64 4.06 -1.29 7.55
C ALA B 64 4.46 -2.76 7.60
N ASP B 65 4.35 -3.44 6.46
CA ASP B 65 4.66 -4.86 6.39
C ASP B 65 6.15 -5.12 6.40
N SER B 66 6.96 -4.24 5.80
CA SER B 66 8.39 -4.46 5.71
C SER B 66 9.10 -4.21 7.03
N VAL B 67 8.59 -3.32 7.87
CA VAL B 67 9.23 -2.95 9.12
C VAL B 67 8.42 -3.41 10.33
N LYS B 68 7.55 -4.40 10.16
CA LYS B 68 6.75 -4.89 11.28
C LYS B 68 7.63 -5.72 12.21
N GLY B 69 7.73 -5.29 13.47
CA GLY B 69 8.52 -5.97 14.47
C GLY B 69 9.94 -5.48 14.62
N ARG B 70 10.42 -4.61 13.73
CA ARG B 70 11.74 -4.04 13.85
C ARG B 70 11.73 -2.54 14.15
N PHE B 71 10.64 -1.85 13.85
CA PHE B 71 10.51 -0.43 14.09
C PHE B 71 9.52 -0.18 15.22
N THR B 72 9.83 0.79 16.08
CA THR B 72 8.95 1.15 17.17
C THR B 72 8.74 2.65 17.16
N ILE B 73 7.47 3.08 17.12
CA ILE B 73 7.10 4.48 17.07
C ILE B 73 6.45 4.86 18.39
N SER B 74 6.82 6.02 18.92
CA SER B 74 6.32 6.49 20.20
C SER B 74 5.93 7.95 20.07
N ALA B 75 5.19 8.43 21.08
CA ALA B 75 4.80 9.83 21.17
C ALA B 75 5.09 10.33 22.58
N ASP B 76 5.48 11.60 22.68
CA ASP B 76 5.80 12.22 23.96
C ASP B 76 5.00 13.52 24.05
N THR B 77 3.77 13.40 24.57
CA THR B 77 2.91 14.58 24.70
C THR B 77 3.47 15.61 25.66
N SER B 78 4.37 15.21 26.56
CA SER B 78 4.99 16.16 27.47
C SER B 78 5.96 17.08 26.72
N LYS B 79 6.82 16.51 25.89
CA LYS B 79 7.82 17.27 25.16
C LYS B 79 7.38 17.63 23.74
N ASN B 80 6.18 17.21 23.33
CA ASN B 80 5.65 17.50 21.99
C ASN B 80 6.60 16.97 20.90
N THR B 81 6.84 15.67 20.92
CA THR B 81 7.72 15.03 19.96
C THR B 81 7.17 13.65 19.62
N ALA B 82 7.57 13.14 18.45
CA ALA B 82 7.27 11.79 18.03
C ALA B 82 8.57 11.09 17.69
N TYR B 83 8.76 9.89 18.25
CA TYR B 83 10.00 9.14 18.09
C TYR B 83 9.74 7.88 17.28
N LEU B 84 10.62 7.60 16.33
CA LEU B 84 10.67 6.32 15.64
C LEU B 84 11.99 5.65 15.99
N GLN B 85 11.91 4.46 16.57
CA GLN B 85 13.09 3.70 16.98
C GLN B 85 13.18 2.44 16.13
N MET B 86 14.33 2.21 15.52
CA MET B 86 14.55 1.08 14.63
C MET B 86 15.59 0.14 15.21
N ASN B 87 15.43 -1.15 14.92
CA ASN B 87 16.37 -2.17 15.34
C ASN B 87 16.69 -3.07 14.16
N SER B 88 17.91 -3.62 14.17
CA SER B 88 18.39 -4.55 13.14
C SER B 88 18.22 -3.95 11.74
N LEU B 89 18.78 -2.75 11.57
CA LEU B 89 18.64 -2.01 10.32
C LEU B 89 19.34 -2.76 9.19
N ARG B 90 18.56 -3.32 8.28
CA ARG B 90 19.13 -3.94 7.09
C ARG B 90 19.72 -2.87 6.18
N ALA B 91 20.55 -3.30 5.24
CA ALA B 91 21.21 -2.39 4.32
C ALA B 91 20.25 -1.74 3.34
N GLU B 92 19.01 -2.22 3.25
CA GLU B 92 18.02 -1.69 2.32
C GLU B 92 17.17 -0.60 2.94
N ASP B 93 17.44 -0.21 4.18
CA ASP B 93 16.64 0.81 4.86
C ASP B 93 17.23 2.22 4.71
N THR B 94 18.31 2.37 3.96
CA THR B 94 18.88 3.70 3.75
C THR B 94 17.95 4.53 2.88
N ALA B 95 17.51 5.66 3.40
CA ALA B 95 16.51 6.49 2.74
C ALA B 95 16.43 7.84 3.45
N VAL B 96 15.47 8.66 3.06
CA VAL B 96 15.16 9.93 3.72
C VAL B 96 13.80 9.77 4.39
N TYR B 97 13.70 10.22 5.63
CA TYR B 97 12.51 10.02 6.45
C TYR B 97 11.78 11.33 6.67
N TYR B 98 10.48 11.34 6.39
CA TYR B 98 9.63 12.51 6.52
C TYR B 98 8.62 12.28 7.64
N CYS B 99 8.30 13.36 8.36
CA CYS B 99 7.26 13.36 9.39
C CYS B 99 6.05 14.10 8.84
N ALA B 100 4.88 13.47 8.90
CA ALA B 100 3.68 14.01 8.27
C ALA B 100 2.52 14.02 9.25
N ARG B 101 1.73 15.09 9.19
CA ARG B 101 0.54 15.23 10.02
C ARG B 101 -0.65 14.57 9.32
N TYR B 102 -1.86 14.84 9.82
CA TYR B 102 -3.09 14.29 9.24
C TYR B 102 -4.16 15.37 9.35
N GLN B 103 -4.49 16.01 8.24
CA GLN B 103 -5.54 17.01 8.24
C GLN B 103 -6.89 16.38 8.56
N TYR B 104 -7.72 17.12 9.27
CA TYR B 104 -9.09 16.71 9.56
C TYR B 104 -10.06 17.67 8.88
N ASP B 105 -11.04 17.11 8.18
CA ASP B 105 -12.06 17.88 7.48
C ASP B 105 -13.34 17.87 8.30
N TYR B 106 -13.90 19.06 8.51
CA TYR B 106 -15.09 19.19 9.35
C TYR B 106 -16.38 19.18 8.54
N TYR B 107 -16.36 19.69 7.31
CA TYR B 107 -17.54 19.64 6.46
C TYR B 107 -17.90 18.19 6.13
N TYR B 108 -16.90 17.36 5.85
CA TYR B 108 -17.08 15.94 5.59
C TYR B 108 -16.17 15.21 6.58
N SER B 109 -16.78 14.59 7.60
CA SER B 109 -16.03 14.17 8.78
C SER B 109 -15.14 12.96 8.50
N TYR B 110 -13.88 13.25 8.15
CA TYR B 110 -12.85 12.23 7.95
C TYR B 110 -11.54 12.98 7.75
N TYR B 111 -10.44 12.22 7.73
CA TYR B 111 -9.13 12.81 7.56
C TYR B 111 -8.91 13.29 6.13
N ALA B 112 -8.02 14.26 5.99
CA ALA B 112 -7.64 14.85 4.71
C ALA B 112 -6.15 14.64 4.48
N GLY B 113 -5.61 15.31 3.46
CA GLY B 113 -4.21 15.19 3.11
C GLY B 113 -3.22 15.39 4.23
N LEU B 114 -2.05 14.76 4.13
CA LEU B 114 -0.97 15.05 5.06
C LEU B 114 -0.39 16.41 4.71
N ASP B 115 -0.89 17.46 5.36
CA ASP B 115 -0.51 18.82 4.98
C ASP B 115 0.98 19.06 5.18
N TYR B 116 1.44 18.98 6.43
CA TYR B 116 2.74 19.51 6.81
C TYR B 116 3.77 18.38 6.91
N TRP B 117 4.87 18.54 6.18
CA TRP B 117 5.97 17.60 6.18
C TRP B 117 7.22 18.31 6.67
N GLY B 118 8.10 17.58 7.33
CA GLY B 118 9.38 18.12 7.70
C GLY B 118 10.36 18.06 6.55
N GLN B 119 11.52 18.69 6.76
CA GLN B 119 12.55 18.72 5.73
C GLN B 119 13.05 17.32 5.42
N GLY B 120 13.26 16.50 6.44
CA GLY B 120 13.72 15.13 6.25
C GLY B 120 15.17 14.99 6.65
N THR B 121 15.48 13.87 7.30
CA THR B 121 16.84 13.55 7.74
C THR B 121 17.31 12.30 7.03
N LEU B 122 18.48 12.40 6.39
CA LEU B 122 19.02 11.28 5.63
C LEU B 122 19.58 10.23 6.57
N VAL B 123 18.97 9.04 6.55
CA VAL B 123 19.45 7.90 7.31
C VAL B 123 20.10 6.94 6.33
N THR B 124 21.41 6.74 6.48
CA THR B 124 22.18 5.86 5.60
C THR B 124 22.84 4.78 6.44
N VAL B 125 22.64 3.52 6.06
CA VAL B 125 23.20 2.38 6.76
C VAL B 125 24.14 1.64 5.82
N SER B 126 25.35 1.39 6.29
CA SER B 126 26.40 0.71 5.52
C SER B 126 27.58 0.47 6.43
N SER B 127 28.27 -0.65 6.20
CA SER B 127 29.38 -1.06 7.05
C SER B 127 30.71 -0.43 6.66
N ALA B 128 30.74 0.40 5.61
CA ALA B 128 31.99 1.00 5.18
C ALA B 128 32.34 2.19 6.05
N SER B 129 33.54 2.75 5.80
CA SER B 129 34.05 3.90 6.54
C SER B 129 34.50 4.96 5.55
N THR B 130 34.73 6.17 6.07
CA THR B 130 35.10 7.29 5.23
C THR B 130 36.43 7.02 4.52
N LYS B 131 36.47 7.35 3.23
CA LYS B 131 37.67 7.16 2.42
C LYS B 131 37.70 8.23 1.34
N GLY B 132 38.90 8.74 1.07
CA GLY B 132 39.07 9.78 0.08
C GLY B 132 38.87 9.26 -1.34
N PRO B 133 38.34 10.11 -2.22
CA PRO B 133 38.11 9.71 -3.60
C PRO B 133 39.41 9.61 -4.38
N SER B 134 39.37 8.77 -5.43
CA SER B 134 40.50 8.58 -6.33
C SER B 134 40.11 9.08 -7.71
N VAL B 135 40.95 9.92 -8.29
CA VAL B 135 40.66 10.58 -9.56
C VAL B 135 41.46 9.89 -10.66
N PHE B 136 40.75 9.37 -11.66
CA PHE B 136 41.36 8.75 -12.84
C PHE B 136 40.94 9.54 -14.07
N PRO B 137 41.81 10.40 -14.59
CA PRO B 137 41.42 11.23 -15.75
C PRO B 137 41.09 10.37 -16.97
N LEU B 138 40.09 10.82 -17.72
CA LEU B 138 39.66 10.15 -18.95
C LEU B 138 40.24 10.92 -20.13
N ALA B 139 41.30 10.38 -20.72
CA ALA B 139 41.97 11.08 -21.81
C ALA B 139 41.11 11.03 -23.07
N PRO B 140 40.81 12.18 -23.69
CA PRO B 140 40.03 12.16 -24.93
C PRO B 140 40.80 11.50 -26.05
N SER B 141 40.06 10.79 -26.90
CA SER B 141 40.67 10.12 -28.04
C SER B 141 41.04 11.15 -29.11
N SER B 142 42.14 10.86 -29.82
CA SER B 142 42.53 11.71 -30.94
C SER B 142 41.48 11.70 -32.05
N LYS B 143 40.92 10.53 -32.32
CA LYS B 143 39.88 10.36 -33.33
C LYS B 143 38.61 9.89 -32.62
N SER B 144 37.82 10.86 -32.13
CA SER B 144 36.54 10.59 -31.48
C SER B 144 35.56 11.65 -31.98
N THR B 145 34.86 11.33 -33.07
CA THR B 145 33.98 12.27 -33.75
C THR B 145 34.70 13.59 -34.04
N SER B 146 35.76 13.47 -34.85
CA SER B 146 36.61 14.62 -35.15
C SER B 146 35.81 15.72 -35.84
N GLY B 147 36.05 16.96 -35.41
CA GLY B 147 35.32 18.10 -35.93
C GLY B 147 35.18 19.21 -34.92
N GLY B 148 33.96 19.67 -34.70
CA GLY B 148 33.67 20.72 -33.75
C GLY B 148 33.28 20.26 -32.36
N THR B 149 33.44 18.98 -32.04
CA THR B 149 33.03 18.44 -30.75
C THR B 149 34.02 17.38 -30.31
N ALA B 150 34.65 17.60 -29.16
CA ALA B 150 35.52 16.63 -28.52
C ALA B 150 35.09 16.44 -27.08
N ALA B 151 35.10 15.20 -26.61
CA ALA B 151 34.60 14.86 -25.29
C ALA B 151 35.74 14.62 -24.33
N LEU B 152 35.72 15.33 -23.20
CA LEU B 152 36.65 15.12 -22.10
C LEU B 152 35.95 14.33 -21.00
N GLY B 153 36.63 14.15 -19.88
CA GLY B 153 36.05 13.45 -18.76
C GLY B 153 37.05 13.35 -17.62
N CYS B 154 36.51 13.17 -16.42
CA CYS B 154 37.35 13.09 -15.22
C CYS B 154 36.56 12.32 -14.17
N LEU B 155 36.92 11.04 -13.97
CA LEU B 155 36.15 10.12 -13.16
C LEU B 155 36.75 10.03 -11.76
N VAL B 156 35.89 10.17 -10.75
CA VAL B 156 36.27 10.02 -9.34
C VAL B 156 35.68 8.73 -8.81
N LYS B 157 36.47 7.98 -8.04
CA LYS B 157 36.11 6.63 -7.66
C LYS B 157 36.49 6.36 -6.21
N ASP B 158 35.77 5.43 -5.60
CA ASP B 158 36.09 4.88 -4.28
C ASP B 158 36.15 5.95 -3.20
N TYR B 159 35.00 6.57 -2.95
CA TYR B 159 34.79 7.44 -1.79
C TYR B 159 33.47 7.05 -1.16
N PHE B 160 33.46 6.88 0.17
CA PHE B 160 32.21 6.46 0.80
C PHE B 160 31.22 7.60 1.06
N PRO B 161 31.62 8.72 1.66
CA PRO B 161 30.62 9.75 1.99
C PRO B 161 29.96 10.31 0.73
N GLU B 162 28.63 10.41 0.78
CA GLU B 162 27.87 10.75 -0.40
C GLU B 162 28.20 12.12 -0.99
N PRO B 163 28.23 13.22 -0.21
CA PRO B 163 28.45 14.53 -0.82
C PRO B 163 29.85 14.65 -1.43
N VAL B 164 29.90 15.24 -2.63
CA VAL B 164 31.16 15.52 -3.31
C VAL B 164 30.87 16.52 -4.41
N THR B 165 31.76 17.50 -4.56
CA THR B 165 31.61 18.55 -5.55
C THR B 165 32.71 18.43 -6.61
N VAL B 166 32.36 18.72 -7.85
CA VAL B 166 33.29 18.68 -8.97
C VAL B 166 33.07 19.92 -9.82
N SER B 167 34.17 20.58 -10.20
CA SER B 167 34.12 21.74 -11.08
C SER B 167 35.35 21.74 -11.96
N TRP B 168 35.27 22.46 -13.07
CA TRP B 168 36.34 22.52 -14.04
C TRP B 168 36.91 23.93 -14.11
N ASN B 169 38.23 24.04 -14.01
CA ASN B 169 38.94 25.32 -14.03
C ASN B 169 38.42 26.27 -12.95
N SER B 170 38.13 25.71 -11.78
CA SER B 170 37.67 26.48 -10.61
C SER B 170 36.43 27.31 -10.95
N GLY B 171 35.48 26.69 -11.64
CA GLY B 171 34.23 27.35 -11.99
C GLY B 171 34.28 28.23 -13.22
N ALA B 172 35.43 28.32 -13.89
CA ALA B 172 35.53 29.09 -15.13
C ALA B 172 34.97 28.35 -16.33
N LEU B 173 34.66 27.07 -16.20
CA LEU B 173 34.11 26.26 -17.29
C LEU B 173 32.71 25.82 -16.90
N THR B 174 31.70 26.44 -17.51
CA THR B 174 30.31 26.08 -17.24
C THR B 174 29.53 25.84 -18.54
N SER B 175 30.22 25.46 -19.61
CA SER B 175 29.61 25.24 -20.91
C SER B 175 29.53 23.73 -21.16
N GLY B 176 28.32 23.18 -21.12
CA GLY B 176 28.12 21.77 -21.37
C GLY B 176 28.65 20.86 -20.30
N VAL B 177 28.88 21.37 -19.09
CA VAL B 177 29.40 20.56 -17.99
C VAL B 177 28.28 19.68 -17.46
N HIS B 178 28.55 18.38 -17.40
CA HIS B 178 27.59 17.40 -16.88
C HIS B 178 28.20 16.71 -15.66
N THR B 179 27.44 16.69 -14.57
CA THR B 179 27.85 16.03 -13.33
C THR B 179 26.85 14.91 -13.06
N PHE B 180 27.20 13.69 -13.45
CA PHE B 180 26.31 12.57 -13.28
C PHE B 180 26.10 12.26 -11.80
N PRO B 181 24.94 11.72 -11.43
CA PRO B 181 24.72 11.35 -10.04
C PRO B 181 25.65 10.22 -9.61
N ALA B 182 26.02 10.23 -8.34
CA ALA B 182 26.87 9.18 -7.80
C ALA B 182 26.12 7.87 -7.76
N VAL B 183 26.81 6.78 -8.11
CA VAL B 183 26.21 5.46 -8.21
C VAL B 183 26.87 4.55 -7.18
N LEU B 184 26.04 3.84 -6.41
CA LEU B 184 26.52 2.94 -5.38
C LEU B 184 27.07 1.67 -6.02
N GLN B 185 28.35 1.38 -5.76
CA GLN B 185 28.94 0.15 -6.24
C GLN B 185 28.57 -1.01 -5.33
N SER B 186 28.85 -2.23 -5.80
CA SER B 186 28.61 -3.40 -4.96
C SER B 186 29.61 -3.50 -3.82
N SER B 187 30.76 -2.84 -3.93
CA SER B 187 31.77 -2.85 -2.88
C SER B 187 31.37 -2.04 -1.66
N GLY B 188 30.38 -1.16 -1.79
CA GLY B 188 29.94 -0.33 -0.68
C GLY B 188 30.39 1.12 -0.74
N LEU B 189 31.16 1.50 -1.76
CA LEU B 189 31.62 2.87 -1.94
C LEU B 189 30.86 3.51 -3.10
N TYR B 190 31.23 4.75 -3.40
CA TYR B 190 30.56 5.54 -4.42
C TYR B 190 31.53 5.97 -5.50
N SER B 191 31.01 6.06 -6.73
CA SER B 191 31.79 6.53 -7.87
C SER B 191 30.97 7.54 -8.65
N LEU B 192 31.61 8.63 -9.05
CA LEU B 192 30.95 9.71 -9.77
C LEU B 192 31.77 10.07 -11.00
N SER B 193 31.07 10.55 -12.03
CA SER B 193 31.71 10.89 -13.30
C SER B 193 31.35 12.31 -13.70
N SER B 194 32.33 13.02 -14.24
CA SER B 194 32.16 14.38 -14.72
C SER B 194 32.67 14.47 -16.15
N VAL B 195 31.87 15.07 -17.03
CA VAL B 195 32.17 15.14 -18.45
C VAL B 195 31.98 16.58 -18.94
N VAL B 196 32.94 17.06 -19.74
CA VAL B 196 32.84 18.36 -20.37
C VAL B 196 33.14 18.20 -21.86
N THR B 197 32.69 19.17 -22.65
CA THR B 197 32.83 19.15 -24.09
C THR B 197 33.58 20.39 -24.56
N VAL B 198 34.39 20.21 -25.60
CA VAL B 198 35.24 21.30 -26.11
C VAL B 198 35.09 21.37 -27.63
N PRO B 199 35.36 22.54 -28.21
CA PRO B 199 35.24 22.68 -29.67
C PRO B 199 36.27 21.90 -30.47
N SER B 200 37.14 21.12 -29.82
CA SER B 200 38.12 20.26 -30.48
C SER B 200 39.16 21.05 -31.27
N SER B 201 39.28 22.36 -31.02
CA SER B 201 40.31 23.17 -31.66
C SER B 201 41.62 22.98 -30.89
N SER B 202 42.30 21.88 -31.22
CA SER B 202 43.48 21.43 -30.47
C SER B 202 43.15 21.29 -28.99
N LEU B 203 41.96 20.75 -28.72
CA LEU B 203 41.43 20.63 -27.35
C LEU B 203 41.34 21.99 -26.67
N GLY B 204 41.08 23.05 -27.44
CA GLY B 204 40.93 24.37 -26.88
C GLY B 204 42.20 25.05 -26.43
N THR B 205 43.36 24.46 -26.74
CA THR B 205 44.69 24.95 -26.38
C THR B 205 44.74 25.57 -24.98
N GLN B 206 44.07 24.93 -24.03
CA GLN B 206 44.02 25.41 -22.65
C GLN B 206 44.21 24.23 -21.70
N THR B 207 44.53 24.56 -20.46
CA THR B 207 44.75 23.56 -19.42
C THR B 207 43.42 23.22 -18.76
N TYR B 208 43.04 21.95 -18.81
CA TYR B 208 41.80 21.46 -18.20
C TYR B 208 42.16 20.56 -17.03
N ILE B 209 41.70 20.93 -15.84
CA ILE B 209 41.95 20.15 -14.63
C ILE B 209 40.64 19.99 -13.87
N CYS B 210 40.56 18.92 -13.08
CA CYS B 210 39.42 18.73 -12.20
C CYS B 210 39.59 19.58 -10.94
N ASN B 211 38.46 19.87 -10.28
CA ASN B 211 38.45 20.50 -8.96
C ASN B 211 37.43 19.72 -8.14
N VAL B 212 37.89 18.65 -7.50
CA VAL B 212 37.03 17.76 -6.72
C VAL B 212 37.30 18.01 -5.25
N ASN B 213 36.23 18.23 -4.48
CA ASN B 213 36.32 18.46 -3.05
C ASN B 213 35.58 17.36 -2.31
N HIS B 214 35.91 17.22 -1.02
CA HIS B 214 35.26 16.20 -0.18
C HIS B 214 35.30 16.72 1.25
N LYS B 215 34.19 17.29 1.70
CA LYS B 215 34.12 17.83 3.06
C LYS B 215 34.29 16.76 4.14
N PRO B 216 33.65 15.57 4.07
CA PRO B 216 33.84 14.57 5.13
C PRO B 216 35.26 14.03 5.21
N SER B 217 36.15 14.55 4.36
CA SER B 217 37.57 14.24 4.40
C SER B 217 38.37 15.50 4.15
N ASN B 218 39.66 15.37 3.88
CA ASN B 218 40.51 16.50 3.50
C ASN B 218 41.23 16.11 2.22
N THR B 219 40.57 16.32 1.09
CA THR B 219 41.10 15.91 -0.21
C THR B 219 40.76 16.96 -1.25
N LYS B 220 41.77 17.37 -2.03
CA LYS B 220 41.60 18.31 -3.13
C LYS B 220 42.58 17.91 -4.21
N VAL B 221 42.12 17.11 -5.18
CA VAL B 221 42.95 16.56 -6.24
C VAL B 221 42.66 17.32 -7.52
N ASP B 222 43.69 17.87 -8.13
CA ASP B 222 43.57 18.61 -9.39
C ASP B 222 44.34 17.83 -10.44
N LYS B 223 43.68 16.86 -11.07
CA LYS B 223 44.28 16.05 -12.12
C LYS B 223 44.12 16.75 -13.46
N LYS B 224 45.22 16.85 -14.20
CA LYS B 224 45.21 17.48 -15.52
C LYS B 224 44.92 16.43 -16.57
N VAL B 225 43.79 16.57 -17.25
CA VAL B 225 43.40 15.65 -18.31
C VAL B 225 44.14 16.04 -19.58
N GLU B 226 45.02 15.16 -20.05
CA GLU B 226 45.83 15.42 -21.22
C GLU B 226 45.47 14.45 -22.34
N PRO B 227 45.55 14.89 -23.60
CA PRO B 227 45.24 13.98 -24.71
C PRO B 227 46.22 12.81 -24.76
N LYS B 228 45.69 11.65 -25.15
CA LYS B 228 46.50 10.44 -25.25
C LYS B 228 47.14 10.33 -26.62
N SER C 1 -1.72 -8.11 2.00
CA SER C 1 -2.95 -7.53 2.53
C SER C 1 -3.06 -6.05 2.17
N ASP C 2 -1.94 -5.48 1.72
CA ASP C 2 -1.92 -4.07 1.36
C ASP C 2 -2.80 -3.80 0.15
N ILE C 3 -3.26 -2.56 0.04
CA ILE C 3 -4.16 -2.13 -1.03
C ILE C 3 -3.29 -1.48 -2.11
N GLN C 4 -3.06 -2.21 -3.20
CA GLN C 4 -2.17 -1.74 -4.23
C GLN C 4 -2.81 -0.62 -5.05
N MET C 5 -1.96 0.25 -5.60
CA MET C 5 -2.38 1.27 -6.54
C MET C 5 -1.62 1.10 -7.85
N THR C 6 -2.29 1.43 -8.95
CA THR C 6 -1.83 1.10 -10.29
C THR C 6 -1.79 2.35 -11.17
N GLN C 7 -1.14 3.40 -10.67
CA GLN C 7 -0.97 4.64 -11.42
C GLN C 7 -0.48 4.35 -12.82
N SER C 8 -1.33 4.66 -13.81
CA SER C 8 -1.13 4.18 -15.17
C SER C 8 -0.02 4.90 -15.93
N PRO C 9 -0.06 6.22 -16.11
CA PRO C 9 0.99 6.86 -16.92
C PRO C 9 2.27 7.00 -16.10
N SER C 10 3.38 6.47 -16.62
CA SER C 10 4.61 6.40 -15.86
C SER C 10 5.49 7.62 -16.06
N SER C 11 5.72 8.02 -17.31
CA SER C 11 6.61 9.13 -17.65
C SER C 11 5.97 10.04 -18.67
N LEU C 12 4.73 10.43 -18.42
CA LEU C 12 3.99 11.26 -19.36
C LEU C 12 4.74 12.56 -19.64
N SER C 13 4.85 12.91 -20.92
CA SER C 13 5.55 14.11 -21.37
C SER C 13 4.57 15.04 -22.06
N ALA C 14 4.51 16.28 -21.58
CA ALA C 14 3.62 17.28 -22.16
C ALA C 14 4.29 18.64 -22.07
N SER C 15 4.21 19.41 -23.15
CA SER C 15 4.85 20.72 -23.22
C SER C 15 3.97 21.75 -22.49
N VAL C 16 4.37 23.02 -22.56
CA VAL C 16 3.66 24.07 -21.85
C VAL C 16 2.33 24.34 -22.54
N GLY C 17 1.26 24.41 -21.74
CA GLY C 17 -0.05 24.75 -22.25
C GLY C 17 -0.91 23.59 -22.69
N ASP C 18 -0.48 22.36 -22.42
CA ASP C 18 -1.25 21.18 -22.81
C ASP C 18 -2.12 20.72 -21.65
N ARG C 19 -2.78 19.57 -21.83
CA ARG C 19 -3.62 18.98 -20.81
C ARG C 19 -3.01 17.67 -20.34
N VAL C 20 -3.00 17.46 -19.02
CA VAL C 20 -2.39 16.28 -18.41
C VAL C 20 -3.45 15.57 -17.60
N THR C 21 -3.57 14.26 -17.80
CA THR C 21 -4.53 13.42 -17.07
C THR C 21 -3.80 12.21 -16.52
N ILE C 22 -3.63 12.17 -15.21
CA ILE C 22 -2.97 11.06 -14.53
C ILE C 22 -4.04 10.24 -13.83
N THR C 23 -4.04 8.94 -14.06
CA THR C 23 -5.09 8.05 -13.58
C THR C 23 -4.53 7.11 -12.52
N CYS C 24 -5.18 7.07 -11.36
CA CYS C 24 -4.83 6.17 -10.28
C CYS C 24 -6.01 5.24 -10.03
N ARG C 25 -5.73 3.94 -9.96
CA ARG C 25 -6.77 2.93 -9.83
C ARG C 25 -6.48 2.04 -8.63
N ALA C 26 -7.43 1.98 -7.71
CA ALA C 26 -7.27 1.18 -6.50
C ALA C 26 -7.75 -0.25 -6.74
N SER C 27 -7.04 -1.21 -6.16
CA SER C 27 -7.42 -2.61 -6.32
C SER C 27 -8.64 -2.97 -5.50
N GLN C 28 -9.01 -2.14 -4.53
CA GLN C 28 -10.19 -2.37 -3.70
C GLN C 28 -10.92 -1.04 -3.53
N SER C 29 -12.22 -1.13 -3.24
CA SER C 29 -13.03 0.05 -3.03
C SER C 29 -12.53 0.85 -1.83
N VAL C 30 -11.96 2.03 -2.07
CA VAL C 30 -11.44 2.87 -1.01
C VAL C 30 -12.34 4.08 -0.77
N SER C 31 -13.61 3.99 -1.20
CA SER C 31 -14.60 5.06 -1.04
C SER C 31 -14.06 6.32 -1.73
N SER C 32 -13.94 7.44 -1.04
CA SER C 32 -13.48 8.68 -1.65
C SER C 32 -12.28 9.21 -0.87
N ALA C 33 -11.30 8.33 -0.63
CA ALA C 33 -10.23 8.59 0.32
C ALA C 33 -8.86 8.61 -0.35
N VAL C 34 -8.74 9.27 -1.49
CA VAL C 34 -7.51 9.33 -2.26
C VAL C 34 -7.01 10.77 -2.27
N ALA C 35 -5.71 10.94 -2.11
CA ALA C 35 -5.08 12.26 -2.13
C ALA C 35 -3.94 12.27 -3.12
N TRP C 36 -3.69 13.44 -3.69
CA TRP C 36 -2.69 13.60 -4.76
C TRP C 36 -1.59 14.55 -4.29
N TYR C 37 -0.34 14.09 -4.37
CA TYR C 37 0.82 14.86 -3.96
C TYR C 37 1.68 15.22 -5.16
N GLN C 38 2.43 16.30 -5.01
CA GLN C 38 3.35 16.78 -6.05
C GLN C 38 4.72 17.00 -5.42
N GLN C 39 5.60 16.02 -5.56
CA GLN C 39 6.94 16.07 -4.98
C GLN C 39 7.91 16.55 -6.05
N LYS C 40 8.33 17.81 -5.95
CA LYS C 40 9.39 18.30 -6.80
C LYS C 40 10.71 17.62 -6.43
N PRO C 41 11.62 17.46 -7.39
CA PRO C 41 12.90 16.79 -7.08
C PRO C 41 13.71 17.60 -6.08
N GLY C 42 14.14 16.93 -5.01
CA GLY C 42 14.97 17.54 -4.00
C GLY C 42 14.25 18.30 -2.92
N LYS C 43 12.92 18.18 -2.84
CA LYS C 43 12.14 18.88 -1.81
C LYS C 43 11.06 17.96 -1.28
N ALA C 44 10.50 18.34 -0.14
CA ALA C 44 9.45 17.55 0.48
C ALA C 44 8.17 17.61 -0.35
N PRO C 45 7.38 16.55 -0.34
CA PRO C 45 6.12 16.56 -1.08
C PRO C 45 5.13 17.57 -0.51
N LYS C 46 4.28 18.09 -1.40
CA LYS C 46 3.17 18.96 -1.03
C LYS C 46 1.86 18.22 -1.26
N LEU C 47 0.78 18.82 -0.78
CA LEU C 47 -0.56 18.28 -0.94
C LEU C 47 -1.33 19.13 -1.94
N LEU C 48 -1.97 18.47 -2.90
CA LEU C 48 -2.73 19.15 -3.95
C LEU C 48 -4.23 18.95 -3.81
N ILE C 49 -4.67 17.71 -3.69
CA ILE C 49 -6.09 17.36 -3.67
C ILE C 49 -6.32 16.31 -2.59
N TYR C 50 -7.35 16.51 -1.78
CA TYR C 50 -7.73 15.54 -0.76
C TYR C 50 -9.18 15.15 -0.94
N SER C 51 -9.50 13.91 -0.55
CA SER C 51 -10.78 13.26 -0.80
C SER C 51 -11.05 13.05 -2.29
N ALA C 52 -10.00 13.15 -3.11
CA ALA C 52 -10.00 12.77 -4.51
C ALA C 52 -10.79 13.73 -5.38
N SER C 53 -11.46 14.70 -4.77
CA SER C 53 -12.21 15.69 -5.53
C SER C 53 -12.05 17.12 -5.04
N SER C 54 -11.66 17.35 -3.79
CA SER C 54 -11.55 18.69 -3.25
C SER C 54 -10.23 19.32 -3.70
N LEU C 55 -9.89 20.47 -3.12
CA LEU C 55 -8.68 21.20 -3.47
C LEU C 55 -8.08 21.78 -2.20
N TYR C 56 -6.83 21.41 -1.92
CA TYR C 56 -6.13 21.96 -0.76
C TYR C 56 -5.91 23.46 -0.94
N SER C 57 -5.98 24.19 0.18
CA SER C 57 -5.87 25.63 0.14
C SER C 57 -4.49 26.05 -0.37
N GLY C 58 -4.47 27.07 -1.23
CA GLY C 58 -3.25 27.58 -1.81
C GLY C 58 -2.89 26.99 -3.16
N VAL C 59 -3.41 25.83 -3.49
CA VAL C 59 -3.15 25.23 -4.81
C VAL C 59 -3.86 26.04 -5.88
N PRO C 60 -3.21 26.35 -7.00
CA PRO C 60 -3.89 27.07 -8.08
C PRO C 60 -5.07 26.28 -8.62
N SER C 61 -5.86 26.95 -9.45
CA SER C 61 -7.11 26.38 -9.94
C SER C 61 -6.92 25.45 -11.14
N ARG C 62 -5.69 25.27 -11.61
CA ARG C 62 -5.45 24.40 -12.76
C ARG C 62 -5.78 22.95 -12.43
N PHE C 63 -5.36 22.48 -11.26
CA PHE C 63 -5.55 21.08 -10.89
C PHE C 63 -7.02 20.79 -10.58
N SER C 64 -7.37 19.52 -10.64
CA SER C 64 -8.73 19.07 -10.35
C SER C 64 -8.69 17.58 -10.04
N GLY C 65 -9.77 17.09 -9.44
CA GLY C 65 -9.89 15.69 -9.10
C GLY C 65 -11.20 15.11 -9.57
N SER C 66 -11.23 13.79 -9.64
CA SER C 66 -12.43 13.08 -10.05
C SER C 66 -12.41 11.68 -9.44
N ARG C 67 -13.55 11.01 -9.52
CA ARG C 67 -13.65 9.63 -9.06
C ARG C 67 -14.77 8.95 -9.83
N SER C 68 -14.48 7.78 -10.39
CA SER C 68 -15.44 6.99 -11.16
C SER C 68 -15.35 5.55 -10.64
N GLY C 69 -16.16 5.23 -9.63
CA GLY C 69 -16.05 3.94 -8.98
C GLY C 69 -14.76 3.83 -8.21
N THR C 70 -13.82 3.02 -8.71
CA THR C 70 -12.51 2.87 -8.12
C THR C 70 -11.43 3.58 -8.92
N ASP C 71 -11.77 4.27 -10.00
CA ASP C 71 -10.81 4.96 -10.85
C ASP C 71 -10.76 6.44 -10.46
N PHE C 72 -9.56 6.91 -10.12
CA PHE C 72 -9.34 8.29 -9.72
C PHE C 72 -8.43 8.96 -10.74
N THR C 73 -8.73 10.22 -11.07
CA THR C 73 -7.97 10.95 -12.07
C THR C 73 -7.61 12.34 -11.54
N LEU C 74 -6.49 12.86 -12.03
CA LEU C 74 -6.06 14.22 -11.75
C LEU C 74 -5.86 14.96 -13.07
N THR C 75 -6.51 16.10 -13.22
CA THR C 75 -6.51 16.86 -14.47
C THR C 75 -5.85 18.21 -14.25
N ILE C 76 -4.91 18.56 -15.12
CA ILE C 76 -4.29 19.87 -15.15
C ILE C 76 -4.86 20.63 -16.34
N SER C 77 -5.53 21.74 -16.08
CA SER C 77 -6.20 22.48 -17.14
C SER C 77 -5.21 23.01 -18.17
N SER C 78 -4.10 23.57 -17.71
CA SER C 78 -3.08 24.10 -18.60
C SER C 78 -1.72 24.02 -17.90
N LEU C 79 -0.80 23.28 -18.50
CA LEU C 79 0.51 23.09 -17.90
C LEU C 79 1.26 24.42 -17.81
N GLN C 80 2.07 24.55 -16.77
CA GLN C 80 2.90 25.72 -16.50
C GLN C 80 4.32 25.26 -16.28
N PRO C 81 5.30 26.14 -16.48
CA PRO C 81 6.71 25.72 -16.38
C PRO C 81 7.09 25.17 -15.01
N GLU C 82 6.31 25.45 -13.97
CA GLU C 82 6.58 24.94 -12.64
C GLU C 82 5.78 23.68 -12.30
N ASP C 83 5.05 23.14 -13.27
CA ASP C 83 4.23 21.95 -13.05
C ASP C 83 4.94 20.65 -13.36
N PHE C 84 6.20 20.70 -13.78
CA PHE C 84 6.95 19.51 -14.16
C PHE C 84 7.56 18.90 -12.91
N ALA C 85 6.91 17.87 -12.38
CA ALA C 85 7.38 17.20 -11.16
C ALA C 85 6.80 15.79 -11.14
N THR C 86 6.93 15.12 -10.01
CA THR C 86 6.43 13.75 -9.83
C THR C 86 5.18 13.78 -8.96
N TYR C 87 4.14 13.09 -9.41
CA TYR C 87 2.84 13.08 -8.74
C TYR C 87 2.55 11.69 -8.19
N TYR C 88 2.00 11.64 -6.97
CA TYR C 88 1.74 10.39 -6.28
C TYR C 88 0.28 10.31 -5.86
N CYS C 89 -0.19 9.08 -5.66
CA CYS C 89 -1.57 8.78 -5.31
C CYS C 89 -1.59 8.02 -3.99
N GLN C 90 -2.55 8.35 -3.13
CA GLN C 90 -2.57 7.85 -1.75
C GLN C 90 -3.93 7.24 -1.44
N GLN C 91 -4.03 6.62 -0.25
CA GLN C 91 -5.28 6.07 0.24
C GLN C 91 -5.40 6.33 1.73
N TYR C 92 -6.65 6.36 2.20
CA TYR C 92 -6.97 6.67 3.59
C TYR C 92 -7.83 5.61 4.26
N ARG C 93 -8.74 4.98 3.52
CA ARG C 93 -9.75 4.12 4.11
C ARG C 93 -9.20 2.73 4.40
N TYR C 94 -8.03 2.67 5.05
CA TYR C 94 -7.34 1.48 5.50
C TYR C 94 -6.14 1.91 6.31
N SER C 95 -5.80 1.11 7.33
CA SER C 95 -4.77 1.51 8.28
C SER C 95 -3.41 1.64 7.60
N LEU C 96 -3.08 0.72 6.71
CA LEU C 96 -1.77 0.71 6.05
C LEU C 96 -1.87 1.57 4.79
N ILE C 97 -1.39 2.81 4.90
CA ILE C 97 -1.43 3.74 3.78
C ILE C 97 -0.46 3.28 2.71
N THR C 98 -0.93 3.25 1.46
CA THR C 98 -0.12 2.86 0.31
C THR C 98 -0.08 4.02 -0.69
N PHE C 99 1.13 4.39 -1.10
CA PHE C 99 1.31 5.42 -2.11
C PHE C 99 1.24 4.81 -3.50
N GLY C 100 1.50 5.65 -4.51
CA GLY C 100 1.52 5.22 -5.89
C GLY C 100 2.95 5.18 -6.43
N GLN C 101 3.07 4.61 -7.64
CA GLN C 101 4.38 4.48 -8.26
C GLN C 101 4.97 5.85 -8.59
N GLY C 102 4.20 6.72 -9.19
CA GLY C 102 4.68 8.06 -9.51
C GLY C 102 4.67 8.32 -11.01
N THR C 103 4.24 9.52 -11.39
CA THR C 103 4.21 9.95 -12.77
C THR C 103 5.09 11.18 -12.91
N LYS C 104 6.11 11.10 -13.76
CA LYS C 104 7.07 12.19 -13.94
C LYS C 104 6.70 12.95 -15.21
N VAL C 105 6.24 14.18 -15.04
CA VAL C 105 5.91 15.05 -16.16
C VAL C 105 7.16 15.83 -16.55
N GLU C 106 7.63 15.61 -17.78
CA GLU C 106 8.85 16.23 -18.27
C GLU C 106 8.56 16.98 -19.56
N ILE C 107 9.42 17.98 -19.84
CA ILE C 107 9.22 18.81 -21.02
C ILE C 107 9.36 17.98 -22.29
N LYS C 108 8.78 18.49 -23.37
CA LYS C 108 8.80 17.83 -24.66
C LYS C 108 9.53 18.68 -25.69
N ARG C 109 10.20 18.00 -26.62
CA ARG C 109 10.93 18.68 -27.69
C ARG C 109 11.23 17.65 -28.78
N THR C 110 11.93 18.12 -29.82
CA THR C 110 12.25 17.25 -30.95
C THR C 110 13.26 16.18 -30.55
N VAL C 111 13.20 15.05 -31.25
CA VAL C 111 14.10 13.93 -30.97
C VAL C 111 15.50 14.29 -31.43
N ALA C 112 16.48 14.07 -30.56
CA ALA C 112 17.88 14.31 -30.86
C ALA C 112 18.67 13.02 -30.70
N ALA C 113 19.48 12.70 -31.70
CA ALA C 113 20.30 11.50 -31.63
C ALA C 113 21.44 11.68 -30.64
N PRO C 114 21.86 10.61 -29.96
CA PRO C 114 22.95 10.73 -29.00
C PRO C 114 24.31 10.78 -29.68
N SER C 115 25.26 11.36 -28.98
CA SER C 115 26.67 11.37 -29.37
C SER C 115 27.42 10.42 -28.43
N VAL C 116 28.08 9.43 -29.01
CA VAL C 116 28.69 8.34 -28.25
C VAL C 116 30.20 8.48 -28.28
N PHE C 117 30.82 8.45 -27.11
CA PHE C 117 32.27 8.51 -26.97
C PHE C 117 32.72 7.40 -26.03
N ILE C 118 33.97 6.97 -26.19
CA ILE C 118 34.55 5.94 -25.35
C ILE C 118 35.89 6.45 -24.80
N PHE C 119 36.27 5.90 -23.64
CA PHE C 119 37.49 6.30 -22.98
C PHE C 119 38.24 5.09 -22.45
N PRO C 120 39.43 4.80 -22.99
CA PRO C 120 40.23 3.71 -22.43
C PRO C 120 40.70 4.04 -21.02
N PRO C 121 40.88 3.04 -20.17
CA PRO C 121 41.37 3.30 -18.81
C PRO C 121 42.75 3.95 -18.83
N SER C 122 42.96 4.85 -17.87
CA SER C 122 44.22 5.60 -17.80
C SER C 122 45.33 4.74 -17.22
N ASP C 123 46.57 5.20 -17.41
CA ASP C 123 47.73 4.45 -16.95
C ASP C 123 47.78 4.35 -15.43
N SER C 124 47.46 5.45 -14.73
CA SER C 124 47.49 5.43 -13.27
C SER C 124 46.49 4.43 -12.71
N GLN C 125 45.27 4.44 -13.24
CA GLN C 125 44.27 3.46 -12.83
C GLN C 125 44.72 2.05 -13.21
N LEU C 126 45.39 1.91 -14.35
CA LEU C 126 45.89 0.60 -14.77
C LEU C 126 46.90 0.05 -13.77
N LYS C 127 47.82 0.89 -13.31
CA LYS C 127 48.79 0.44 -12.31
C LYS C 127 48.17 0.31 -10.93
N SER C 128 47.03 0.96 -10.68
CA SER C 128 46.34 0.76 -9.41
C SER C 128 45.77 -0.64 -9.30
N GLY C 129 45.46 -1.29 -10.41
CA GLY C 129 44.94 -2.64 -10.41
C GLY C 129 43.51 -2.80 -10.91
N THR C 130 42.89 -1.74 -11.41
CA THR C 130 41.54 -1.81 -11.95
C THR C 130 41.48 -1.12 -13.30
N ALA C 131 40.56 -1.57 -14.14
CA ALA C 131 40.36 -1.02 -15.48
C ALA C 131 38.89 -0.73 -15.67
N SER C 132 38.53 0.56 -15.70
CA SER C 132 37.15 1.00 -15.87
C SER C 132 37.02 1.69 -17.23
N VAL C 133 36.11 1.18 -18.06
CA VAL C 133 35.85 1.73 -19.39
C VAL C 133 34.52 2.46 -19.35
N VAL C 134 34.52 3.71 -19.81
CA VAL C 134 33.35 4.58 -19.73
C VAL C 134 32.90 4.93 -21.14
N CYS C 135 31.61 4.73 -21.42
CA CYS C 135 31.01 5.15 -22.67
C CYS C 135 29.96 6.22 -22.38
N LEU C 136 30.05 7.34 -23.09
CA LEU C 136 29.24 8.52 -22.83
C LEU C 136 28.19 8.69 -23.92
N LEU C 137 26.97 9.04 -23.50
CA LEU C 137 25.89 9.39 -24.41
C LEU C 137 25.51 10.83 -24.12
N ASN C 138 25.77 11.73 -25.07
CA ASN C 138 25.69 13.16 -24.86
C ASN C 138 24.54 13.76 -25.66
N ASN C 139 23.65 14.47 -24.95
CA ASN C 139 22.63 15.34 -25.56
C ASN C 139 21.70 14.56 -26.50
N PHE C 140 20.95 13.63 -25.90
CA PHE C 140 19.87 12.94 -26.57
C PHE C 140 18.59 13.16 -25.78
N TYR C 141 17.53 13.59 -26.46
CA TYR C 141 16.32 13.96 -25.72
C TYR C 141 15.52 12.75 -25.23
N PRO C 142 15.04 11.86 -26.11
CA PRO C 142 14.16 10.78 -25.60
C PRO C 142 14.94 9.80 -24.75
N ARG C 143 14.68 9.82 -23.44
CA ARG C 143 15.48 9.08 -22.45
C ARG C 143 15.06 7.61 -22.45
N GLU C 144 15.40 6.94 -23.55
CA GLU C 144 15.19 5.49 -23.67
C GLU C 144 16.31 4.94 -24.56
N ALA C 145 17.38 4.48 -23.91
CA ALA C 145 18.53 3.94 -24.63
C ALA C 145 18.99 2.67 -23.93
N LYS C 146 19.53 1.75 -24.74
CA LYS C 146 20.08 0.50 -24.24
C LYS C 146 21.55 0.42 -24.62
N VAL C 147 22.41 0.21 -23.62
CA VAL C 147 23.85 0.16 -23.82
C VAL C 147 24.31 -1.28 -23.63
N GLN C 148 24.96 -1.82 -24.65
CA GLN C 148 25.46 -3.20 -24.63
C GLN C 148 26.97 -3.18 -24.82
N TRP C 149 27.67 -3.91 -23.96
CA TRP C 149 29.13 -3.97 -24.00
C TRP C 149 29.57 -5.24 -24.72
N LYS C 150 30.49 -5.09 -25.66
CA LYS C 150 30.95 -6.19 -26.48
C LYS C 150 32.48 -6.22 -26.52
N VAL C 151 33.05 -7.39 -26.23
CA VAL C 151 34.47 -7.63 -26.45
C VAL C 151 34.61 -8.94 -27.20
N ASP C 152 35.39 -8.94 -28.29
CA ASP C 152 35.63 -10.13 -29.10
C ASP C 152 34.31 -10.82 -29.46
N ASN C 153 33.30 -10.01 -29.79
CA ASN C 153 31.96 -10.48 -30.11
C ASN C 153 31.36 -11.29 -28.96
N ALA C 154 31.56 -10.80 -27.73
CA ALA C 154 30.97 -11.42 -26.55
C ALA C 154 30.29 -10.36 -25.71
N LEU C 155 29.21 -10.75 -25.03
CA LEU C 155 28.33 -9.82 -24.33
C LEU C 155 28.44 -10.03 -22.82
N GLN C 156 28.63 -8.95 -22.09
CA GLN C 156 28.69 -9.00 -20.63
C GLN C 156 27.32 -8.78 -20.03
N SER C 157 27.23 -9.06 -18.72
CA SER C 157 26.03 -8.80 -17.95
C SER C 157 26.40 -8.82 -16.46
N GLY C 158 25.84 -7.87 -15.71
CA GLY C 158 26.06 -7.83 -14.28
C GLY C 158 27.37 -7.23 -13.84
N ASN C 159 28.07 -6.49 -14.71
CA ASN C 159 29.32 -5.85 -14.34
C ASN C 159 29.43 -4.42 -14.87
N SER C 160 28.30 -3.76 -15.11
CA SER C 160 28.28 -2.39 -15.58
C SER C 160 27.22 -1.60 -14.83
N GLN C 161 27.44 -0.29 -14.72
CA GLN C 161 26.50 0.60 -14.06
C GLN C 161 26.36 1.86 -14.88
N GLU C 162 25.18 2.49 -14.78
CA GLU C 162 24.85 3.66 -15.58
C GLU C 162 24.07 4.65 -14.76
N SER C 163 24.23 5.93 -15.08
CA SER C 163 23.54 7.01 -14.41
C SER C 163 23.13 8.07 -15.44
N VAL C 164 21.91 8.58 -15.32
CA VAL C 164 21.34 9.51 -16.27
C VAL C 164 21.10 10.84 -15.56
N THR C 165 21.61 11.92 -16.14
CA THR C 165 21.36 13.24 -15.61
C THR C 165 19.94 13.69 -15.96
N GLU C 166 19.43 14.63 -15.16
CA GLU C 166 18.07 15.12 -15.37
C GLU C 166 18.02 16.01 -16.61
N GLN C 167 16.82 16.48 -16.93
CA GLN C 167 16.63 17.33 -18.09
C GLN C 167 17.44 18.61 -17.97
N ASP C 168 18.09 19.00 -19.06
CA ASP C 168 18.90 20.21 -19.06
C ASP C 168 18.00 21.44 -18.90
N SER C 169 18.57 22.51 -18.34
CA SER C 169 17.81 23.72 -18.12
C SER C 169 17.42 24.39 -19.44
N LYS C 170 18.37 24.50 -20.36
CA LYS C 170 18.14 25.20 -21.63
C LYS C 170 17.84 24.23 -22.77
N ASP C 171 18.75 23.28 -23.02
CA ASP C 171 18.56 22.34 -24.13
C ASP C 171 17.48 21.31 -23.84
N SER C 172 17.17 21.06 -22.57
CA SER C 172 16.16 20.07 -22.17
C SER C 172 16.47 18.70 -22.77
N THR C 173 17.73 18.29 -22.66
CA THR C 173 18.19 17.00 -23.16
C THR C 173 18.95 16.27 -22.06
N TYR C 174 19.04 14.95 -22.21
CA TYR C 174 19.61 14.10 -21.18
C TYR C 174 21.08 13.81 -21.47
N SER C 175 21.68 12.94 -20.66
CA SER C 175 23.06 12.50 -20.84
C SER C 175 23.28 11.25 -20.00
N LEU C 176 23.87 10.22 -20.60
CA LEU C 176 24.06 8.94 -19.93
C LEU C 176 25.50 8.46 -20.13
N SER C 177 26.09 7.93 -19.07
CA SER C 177 27.43 7.37 -19.10
C SER C 177 27.40 5.97 -18.49
N SER C 178 27.85 4.98 -19.25
CA SER C 178 27.89 3.59 -18.81
C SER C 178 29.33 3.18 -18.58
N THR C 179 29.60 2.59 -17.42
CA THR C 179 30.95 2.24 -17.00
C THR C 179 31.08 0.73 -16.86
N LEU C 180 32.14 0.17 -17.45
CA LEU C 180 32.47 -1.24 -17.33
C LEU C 180 33.72 -1.37 -16.48
N THR C 181 33.60 -2.06 -15.35
CA THR C 181 34.70 -2.24 -14.42
C THR C 181 35.16 -3.70 -14.45
N LEU C 182 36.45 -3.91 -14.67
CA LEU C 182 37.00 -5.24 -14.85
C LEU C 182 38.24 -5.41 -13.99
N SER C 183 38.54 -6.67 -13.67
CA SER C 183 39.79 -7.01 -13.01
C SER C 183 40.94 -6.93 -14.00
N LYS C 184 42.17 -7.00 -13.47
CA LYS C 184 43.35 -6.86 -14.32
C LYS C 184 43.46 -8.01 -15.31
N ALA C 185 43.23 -9.24 -14.85
CA ALA C 185 43.38 -10.40 -15.73
C ALA C 185 42.37 -10.36 -16.86
N ASP C 186 41.11 -10.00 -16.57
CA ASP C 186 40.11 -9.92 -17.62
C ASP C 186 40.45 -8.83 -18.63
N TYR C 187 40.95 -7.68 -18.14
CA TYR C 187 41.30 -6.60 -19.05
C TYR C 187 42.46 -6.98 -19.96
N GLU C 188 43.49 -7.63 -19.40
CA GLU C 188 44.65 -7.97 -20.21
C GLU C 188 44.37 -9.13 -21.15
N LYS C 189 43.49 -10.05 -20.76
CA LYS C 189 43.22 -11.23 -21.59
C LYS C 189 42.59 -10.85 -22.93
N HIS C 190 41.63 -9.93 -22.91
CA HIS C 190 40.91 -9.58 -24.12
C HIS C 190 41.70 -8.57 -24.95
N LYS C 191 41.28 -8.40 -26.20
CA LYS C 191 42.00 -7.58 -27.16
C LYS C 191 41.26 -6.29 -27.52
N VAL C 192 40.00 -6.39 -27.95
CA VAL C 192 39.23 -5.23 -28.38
C VAL C 192 38.03 -5.05 -27.47
N TYR C 193 37.62 -3.80 -27.30
CA TYR C 193 36.46 -3.44 -26.50
C TYR C 193 35.55 -2.54 -27.34
N ALA C 194 34.27 -2.88 -27.39
CA ALA C 194 33.31 -2.10 -28.17
C ALA C 194 32.03 -1.93 -27.37
N CYS C 195 31.30 -0.86 -27.67
CA CYS C 195 30.04 -0.56 -27.02
C CYS C 195 28.94 -0.46 -28.07
N GLU C 196 27.79 -1.06 -27.78
CA GLU C 196 26.64 -1.05 -28.67
C GLU C 196 25.51 -0.29 -27.99
N VAL C 197 25.14 0.86 -28.57
CA VAL C 197 24.12 1.74 -28.02
C VAL C 197 22.99 1.86 -29.04
N THR C 198 21.76 1.61 -28.59
CA THR C 198 20.58 1.67 -29.44
C THR C 198 19.69 2.83 -28.99
N HIS C 199 19.07 3.50 -29.96
CA HIS C 199 18.21 4.63 -29.66
C HIS C 199 17.13 4.72 -30.73
N GLN C 200 16.02 5.40 -30.38
CA GLN C 200 14.92 5.55 -31.32
C GLN C 200 15.34 6.35 -32.55
N GLY C 201 16.11 7.41 -32.34
CA GLY C 201 16.53 8.27 -33.44
C GLY C 201 17.67 7.73 -34.28
N LEU C 202 18.18 6.55 -33.95
CA LEU C 202 19.28 5.93 -34.67
C LEU C 202 18.73 4.76 -35.48
N SER C 203 18.95 4.80 -36.80
CA SER C 203 18.46 3.72 -37.66
C SER C 203 19.11 2.39 -37.31
N SER C 204 20.43 2.39 -37.16
CA SER C 204 21.19 1.22 -36.76
C SER C 204 22.11 1.58 -35.61
N PRO C 205 22.38 0.65 -34.70
CA PRO C 205 23.22 0.97 -33.54
C PRO C 205 24.60 1.43 -33.96
N VAL C 206 25.11 2.44 -33.25
CA VAL C 206 26.45 2.97 -33.50
C VAL C 206 27.40 2.34 -32.49
N THR C 207 28.48 1.75 -32.99
CA THR C 207 29.45 1.04 -32.16
C THR C 207 30.76 1.80 -32.15
N LYS C 208 31.23 2.15 -30.96
CA LYS C 208 32.51 2.81 -30.76
C LYS C 208 33.46 1.85 -30.08
N SER C 209 34.66 1.69 -30.64
CA SER C 209 35.61 0.71 -30.14
C SER C 209 37.00 1.34 -30.08
N PHE C 210 37.85 0.74 -29.24
CA PHE C 210 39.25 1.14 -29.12
C PHE C 210 40.11 -0.10 -28.98
N ASN C 211 41.36 0.02 -29.44
CA ASN C 211 42.34 -1.05 -29.39
C ASN C 211 43.41 -0.69 -28.37
N ARG C 212 43.73 -1.64 -27.49
CA ARG C 212 44.73 -1.42 -26.46
C ARG C 212 46.10 -1.19 -27.06
N VAL D 1 7.11 -11.92 -39.69
CA VAL D 1 6.43 -10.63 -39.67
C VAL D 1 6.88 -9.79 -40.87
N GLN D 2 5.93 -9.11 -41.50
CA GLN D 2 6.22 -8.26 -42.65
C GLN D 2 5.17 -7.16 -42.74
N LEU D 3 5.52 -6.11 -43.46
CA LEU D 3 4.62 -4.97 -43.63
C LEU D 3 4.90 -4.31 -44.97
N GLN D 4 3.88 -3.59 -45.47
CA GLN D 4 3.98 -2.88 -46.74
C GLN D 4 3.45 -1.47 -46.56
N GLU D 5 4.02 -0.55 -47.34
CA GLU D 5 3.71 0.88 -47.23
C GLU D 5 2.93 1.33 -48.45
N SER D 6 1.76 1.92 -48.23
CA SER D 6 0.92 2.42 -49.29
C SER D 6 1.23 3.89 -49.56
N GLY D 7 0.42 4.54 -50.39
CA GLY D 7 0.64 5.93 -50.71
C GLY D 7 1.85 6.12 -51.62
N GLY D 8 2.37 7.35 -51.60
CA GLY D 8 3.55 7.67 -52.38
C GLY D 8 3.22 8.25 -53.74
N GLY D 9 3.74 9.44 -54.02
CA GLY D 9 3.49 10.08 -55.31
C GLY D 9 4.14 11.43 -55.36
N LEU D 10 3.87 12.14 -56.45
CA LEU D 10 4.40 13.48 -56.68
C LEU D 10 3.28 14.49 -56.52
N VAL D 11 3.54 15.54 -55.73
CA VAL D 11 2.55 16.58 -55.45
C VAL D 11 3.21 17.95 -55.56
N GLN D 12 2.37 18.96 -55.66
CA GLN D 12 2.84 20.33 -55.69
C GLN D 12 3.40 20.73 -54.32
N PRO D 13 4.34 21.67 -54.27
CA PRO D 13 4.80 22.19 -52.97
C PRO D 13 3.65 22.77 -52.19
N GLY D 14 3.68 22.56 -50.88
CA GLY D 14 2.58 22.94 -50.01
C GLY D 14 1.44 21.95 -49.96
N GLY D 15 1.59 20.79 -50.59
CA GLY D 15 0.53 19.78 -50.59
C GLY D 15 0.58 18.90 -49.36
N SER D 16 -0.31 17.91 -49.36
CA SER D 16 -0.43 16.97 -48.25
C SER D 16 -0.52 15.56 -48.80
N LEU D 17 -0.20 14.60 -47.95
CA LEU D 17 -0.19 13.19 -48.35
C LEU D 17 -0.49 12.31 -47.14
N ARG D 18 -0.82 11.06 -47.43
CA ARG D 18 -1.24 10.09 -46.42
C ARG D 18 -0.39 8.82 -46.52
N LEU D 19 0.92 9.00 -46.52
CA LEU D 19 1.84 7.88 -46.48
C LEU D 19 1.52 6.96 -45.31
N SER D 20 1.10 5.73 -45.63
CA SER D 20 0.64 4.80 -44.62
C SER D 20 1.25 3.43 -44.87
N CYS D 21 1.25 2.61 -43.82
CA CYS D 21 1.75 1.24 -43.93
C CYS D 21 0.96 0.35 -42.99
N ALA D 22 0.37 -0.71 -43.53
CA ALA D 22 -0.33 -1.70 -42.72
C ALA D 22 0.67 -2.68 -42.13
N ALA D 23 0.16 -3.71 -41.46
CA ALA D 23 1.00 -4.72 -40.83
C ALA D 23 0.36 -6.08 -41.07
N SER D 24 0.93 -6.86 -41.99
CA SER D 24 0.41 -8.18 -42.32
C SER D 24 0.97 -9.28 -41.43
N GLY D 25 1.95 -8.98 -40.58
CA GLY D 25 2.54 -10.00 -39.74
C GLY D 25 1.71 -10.36 -38.53
N ARG D 26 1.57 -9.41 -37.60
CA ARG D 26 0.82 -9.63 -36.36
C ARG D 26 0.28 -8.30 -35.88
N THR D 27 -0.22 -8.29 -34.64
CA THR D 27 -0.73 -7.06 -34.05
C THR D 27 0.41 -6.12 -33.66
N ILE D 28 0.14 -4.82 -33.74
CA ILE D 28 1.13 -3.80 -33.41
C ILE D 28 0.86 -3.17 -32.05
N SER D 29 -0.28 -3.44 -31.43
CA SER D 29 -0.47 -3.04 -30.05
C SER D 29 0.59 -3.72 -29.17
N ARG D 30 1.03 -2.99 -28.14
CA ARG D 30 2.16 -3.33 -27.28
C ARG D 30 3.51 -3.10 -27.97
N TYR D 31 3.51 -2.70 -29.23
CA TYR D 31 4.71 -2.37 -29.98
C TYR D 31 4.64 -0.90 -30.41
N ALA D 32 5.61 -0.48 -31.23
CA ALA D 32 5.63 0.88 -31.73
C ALA D 32 6.23 0.89 -33.13
N MET D 33 5.86 1.90 -33.91
CA MET D 33 6.42 2.13 -35.24
C MET D 33 7.09 3.49 -35.30
N SER D 34 7.81 3.70 -36.39
CA SER D 34 8.45 4.97 -36.70
C SER D 34 8.67 5.03 -38.19
N TRP D 35 8.89 6.24 -38.69
CA TRP D 35 9.11 6.48 -40.11
C TRP D 35 10.53 6.99 -40.32
N PHE D 36 11.15 6.58 -41.42
CA PHE D 36 12.51 6.97 -41.75
C PHE D 36 12.55 7.46 -43.19
N ARG D 37 13.10 8.66 -43.39
CA ARG D 37 13.31 9.19 -44.73
C ARG D 37 14.69 8.79 -45.24
N GLN D 38 14.76 8.47 -46.52
CA GLN D 38 16.00 8.07 -47.17
C GLN D 38 16.34 9.10 -48.23
N ALA D 39 17.27 9.99 -47.92
CA ALA D 39 17.76 10.94 -48.92
C ALA D 39 18.44 10.16 -50.04
N PRO D 40 18.26 10.56 -51.30
CA PRO D 40 18.81 9.78 -52.41
C PRO D 40 20.32 9.63 -52.35
N GLY D 41 20.78 8.42 -52.06
CA GLY D 41 22.20 8.11 -52.04
C GLY D 41 23.02 8.88 -51.03
N LYS D 42 22.40 9.39 -49.97
CA LYS D 42 23.14 10.15 -48.96
C LYS D 42 23.18 9.45 -47.60
N GLU D 43 22.02 9.21 -46.99
CA GLU D 43 21.95 8.73 -45.60
C GLU D 43 20.57 8.14 -45.36
N ARG D 44 20.36 7.67 -44.14
CA ARG D 44 19.03 7.36 -43.61
C ARG D 44 18.79 8.29 -42.42
N GLU D 45 17.62 8.92 -42.39
CA GLU D 45 17.32 9.92 -41.38
C GLU D 45 15.98 9.60 -40.72
N PHE D 46 15.82 10.14 -39.52
CA PHE D 46 14.62 9.93 -38.70
C PHE D 46 13.71 11.15 -38.77
N VAL D 47 12.42 10.91 -38.96
CA VAL D 47 11.43 11.96 -39.14
C VAL D 47 10.37 11.93 -38.06
N ALA D 48 9.82 10.76 -37.75
CA ALA D 48 8.73 10.69 -36.79
C ALA D 48 8.64 9.28 -36.22
N VAL D 49 8.23 9.21 -34.94
CA VAL D 49 8.04 7.94 -34.24
C VAL D 49 6.66 7.93 -33.62
N ALA D 50 5.95 6.82 -33.77
CA ALA D 50 4.67 6.61 -33.12
C ALA D 50 4.89 5.72 -31.90
N ARG D 51 4.56 6.23 -30.72
CA ARG D 51 4.72 5.49 -29.48
C ARG D 51 3.54 4.54 -29.32
N ARG D 52 3.39 3.95 -28.14
CA ARG D 52 2.26 3.06 -27.91
C ARG D 52 0.96 3.88 -27.84
N SER D 53 -0.14 3.18 -27.52
CA SER D 53 -1.46 3.79 -27.53
C SER D 53 -1.56 4.95 -26.54
N GLY D 54 -1.69 6.16 -27.05
CA GLY D 54 -1.87 7.33 -26.20
C GLY D 54 -0.71 7.61 -25.28
N ASP D 55 0.52 7.51 -25.78
CA ASP D 55 1.70 7.73 -24.96
C ASP D 55 2.59 8.85 -25.48
N GLY D 56 2.79 8.96 -26.79
CA GLY D 56 3.62 10.01 -27.33
C GLY D 56 3.58 10.02 -28.84
N ALA D 57 3.90 11.18 -29.40
CA ALA D 57 3.92 11.39 -30.84
C ALA D 57 5.14 12.21 -31.23
N PHE D 58 6.30 11.86 -30.68
CA PHE D 58 7.51 12.63 -30.92
C PHE D 58 7.86 12.64 -32.40
N TYR D 59 8.30 13.81 -32.88
CA TYR D 59 8.73 14.00 -34.25
C TYR D 59 10.20 14.42 -34.27
N ALA D 60 10.73 14.63 -35.47
CA ALA D 60 12.09 15.12 -35.62
C ALA D 60 12.11 16.64 -35.47
N ASP D 61 13.23 17.26 -35.78
CA ASP D 61 13.35 18.71 -35.67
C ASP D 61 12.92 19.43 -36.95
N SER D 62 13.37 18.94 -38.11
CA SER D 62 13.05 19.60 -39.36
C SER D 62 11.56 19.54 -39.67
N VAL D 63 10.91 18.40 -39.39
CA VAL D 63 9.51 18.21 -39.72
C VAL D 63 8.56 18.66 -38.62
N GLN D 64 9.09 19.10 -37.48
CA GLN D 64 8.23 19.52 -36.38
C GLN D 64 7.39 20.73 -36.77
N GLY D 65 6.10 20.68 -36.45
CA GLY D 65 5.18 21.74 -36.78
C GLY D 65 4.47 21.58 -38.11
N ARG D 66 4.89 20.63 -38.95
CA ARG D 66 4.26 20.38 -40.24
C ARG D 66 3.65 19.00 -40.33
N PHE D 67 4.41 17.95 -40.00
CA PHE D 67 3.97 16.58 -40.18
C PHE D 67 2.99 16.19 -39.06
N THR D 68 2.40 15.00 -39.22
CA THR D 68 1.49 14.45 -38.23
C THR D 68 1.48 12.94 -38.36
N VAL D 69 1.44 12.25 -37.23
CA VAL D 69 1.49 10.79 -37.18
C VAL D 69 0.32 10.28 -36.36
N SER D 70 -0.39 9.29 -36.90
CA SER D 70 -1.50 8.65 -36.21
C SER D 70 -1.37 7.14 -36.37
N ARG D 71 -1.99 6.42 -35.43
CA ARG D 71 -1.93 4.96 -35.42
C ARG D 71 -3.33 4.39 -35.27
N ASP D 72 -3.50 3.18 -35.79
CA ASP D 72 -4.78 2.46 -35.73
C ASP D 72 -4.54 1.14 -35.01
N ASP D 73 -5.05 1.03 -33.77
CA ASP D 73 -4.88 -0.21 -33.02
C ASP D 73 -5.64 -1.37 -33.66
N ALA D 74 -6.86 -1.10 -34.15
CA ALA D 74 -7.68 -2.17 -34.71
C ALA D 74 -7.11 -2.70 -36.01
N LYS D 75 -6.71 -1.80 -36.91
CA LYS D 75 -6.20 -2.19 -38.23
C LYS D 75 -4.70 -2.43 -38.23
N ASN D 76 -4.01 -2.19 -37.11
CA ASN D 76 -2.56 -2.33 -37.03
C ASN D 76 -1.85 -1.52 -38.12
N THR D 77 -2.33 -0.29 -38.31
CA THR D 77 -1.85 0.58 -39.38
C THR D 77 -1.52 1.95 -38.81
N VAL D 78 -0.45 2.56 -39.31
CA VAL D 78 -0.07 3.91 -38.93
C VAL D 78 -0.04 4.76 -40.19
N TYR D 79 -0.29 6.06 -40.01
CA TYR D 79 -0.38 7.01 -41.12
C TYR D 79 0.59 8.16 -40.88
N LEU D 80 1.39 8.48 -41.90
CA LEU D 80 2.29 9.62 -41.85
C LEU D 80 1.67 10.76 -42.67
N GLN D 81 0.80 11.51 -42.00
CA GLN D 81 0.12 12.62 -42.64
C GLN D 81 1.04 13.83 -42.71
N MET D 82 1.30 14.31 -43.92
CA MET D 82 2.19 15.44 -44.14
CA MET D 82 2.19 15.44 -44.15
C MET D 82 1.39 16.70 -44.44
N ASN D 83 2.06 17.84 -44.28
CA ASN D 83 1.46 19.14 -44.54
C ASN D 83 2.55 20.12 -44.95
N SER D 84 2.23 20.98 -45.91
CA SER D 84 3.14 22.01 -46.40
C SER D 84 4.47 21.39 -46.86
N LEU D 85 4.36 20.53 -47.87
CA LEU D 85 5.53 19.84 -48.40
C LEU D 85 6.48 20.83 -49.07
N LYS D 86 7.77 20.51 -49.00
CA LYS D 86 8.84 21.32 -49.56
C LYS D 86 9.77 20.42 -50.36
N PRO D 87 10.53 20.99 -51.30
CA PRO D 87 11.48 20.16 -52.08
C PRO D 87 12.54 19.48 -51.23
N GLU D 88 12.81 19.99 -50.02
CA GLU D 88 13.78 19.36 -49.14
C GLU D 88 13.29 18.03 -48.58
N ASP D 89 12.01 17.72 -48.73
CA ASP D 89 11.43 16.48 -48.20
C ASP D 89 11.48 15.33 -49.20
N THR D 90 12.11 15.53 -50.36
CA THR D 90 12.19 14.48 -51.37
C THR D 90 13.03 13.32 -50.84
N ALA D 91 12.37 12.20 -50.54
CA ALA D 91 13.06 11.04 -49.99
C ALA D 91 12.18 9.81 -50.16
N VAL D 92 12.81 8.65 -50.04
CA VAL D 92 12.10 7.37 -50.04
C VAL D 92 11.82 7.02 -48.59
N TYR D 93 10.55 7.16 -48.18
CA TYR D 93 10.19 7.04 -46.78
C TYR D 93 10.12 5.57 -46.36
N TYR D 94 10.90 5.21 -45.37
CA TYR D 94 11.01 3.83 -44.88
C TYR D 94 10.18 3.65 -43.61
N CYS D 95 10.01 2.40 -43.21
CA CYS D 95 9.25 2.06 -42.03
CA CYS D 95 9.25 2.06 -42.03
C CYS D 95 10.00 1.02 -41.21
N ALA D 96 9.71 1.01 -39.91
CA ALA D 96 10.29 0.04 -38.98
C ALA D 96 9.39 -0.04 -37.76
N ILE D 97 9.53 -1.13 -37.02
CA ILE D 97 8.79 -1.34 -35.78
C ILE D 97 9.77 -1.62 -34.66
N ASP D 98 9.46 -1.11 -33.47
CA ASP D 98 10.31 -1.33 -32.31
C ASP D 98 9.99 -2.68 -31.68
N SER D 99 11.01 -3.49 -31.47
CA SER D 99 10.86 -4.82 -30.91
C SER D 99 10.95 -4.84 -29.39
N ASP D 100 11.09 -3.68 -28.76
CA ASP D 100 11.22 -3.59 -27.30
C ASP D 100 9.97 -2.98 -26.71
N THR D 101 9.53 -3.50 -25.56
CA THR D 101 8.37 -2.97 -24.87
C THR D 101 8.64 -1.61 -24.25
N PHE D 102 9.91 -1.29 -23.97
CA PHE D 102 10.28 -0.05 -23.31
C PHE D 102 10.88 0.97 -24.27
N TYR D 103 10.58 0.87 -25.55
CA TYR D 103 11.00 1.85 -26.56
C TYR D 103 12.52 2.02 -26.57
N SER D 104 13.24 0.90 -26.51
CA SER D 104 14.70 0.95 -26.54
C SER D 104 15.22 1.51 -27.86
N GLY D 105 14.63 1.06 -28.97
CA GLY D 105 15.08 1.50 -30.28
C GLY D 105 15.58 0.34 -31.13
N SER D 106 15.24 -0.89 -30.72
CA SER D 106 15.66 -2.09 -31.44
C SER D 106 14.70 -2.31 -32.61
N TYR D 107 14.93 -1.55 -33.67
CA TYR D 107 14.09 -1.63 -34.87
C TYR D 107 14.51 -2.85 -35.66
N ASP D 108 13.77 -3.95 -35.50
CA ASP D 108 14.15 -5.22 -36.13
C ASP D 108 13.69 -5.29 -37.58
N TYR D 109 12.38 -5.23 -37.81
CA TYR D 109 11.81 -5.44 -39.13
C TYR D 109 11.61 -4.11 -39.84
N TRP D 110 12.25 -3.96 -41.00
CA TRP D 110 12.10 -2.78 -41.82
C TRP D 110 11.11 -3.06 -42.95
N GLY D 111 10.98 -2.11 -43.88
CA GLY D 111 10.06 -2.25 -44.99
C GLY D 111 10.70 -1.79 -46.29
N GLN D 112 10.02 -2.12 -47.39
CA GLN D 112 10.52 -1.74 -48.71
C GLN D 112 10.50 -0.22 -48.89
N GLY D 113 9.43 0.43 -48.48
CA GLY D 113 9.32 1.87 -48.58
C GLY D 113 8.80 2.33 -49.93
N THR D 114 8.31 3.57 -49.95
CA THR D 114 7.77 4.19 -51.15
C THR D 114 8.57 5.45 -51.49
N GLN D 115 8.73 5.70 -52.78
CA GLN D 115 9.45 6.87 -53.27
C GLN D 115 8.50 8.06 -53.31
N VAL D 116 8.87 9.13 -52.61
CA VAL D 116 8.09 10.36 -52.59
C VAL D 116 8.97 11.49 -53.11
N THR D 117 8.49 12.19 -54.13
CA THR D 117 9.22 13.28 -54.76
C THR D 117 8.31 14.49 -54.87
N VAL D 118 8.81 15.65 -54.43
CA VAL D 118 8.06 16.90 -54.51
C VAL D 118 8.32 17.51 -55.88
N SER D 119 7.26 17.69 -56.66
CA SER D 119 7.34 18.24 -58.01
C SER D 119 6.87 19.70 -57.98
N SER D 120 7.75 20.62 -58.34
CA SER D 120 7.43 22.04 -58.34
C SER D 120 6.99 22.49 -59.74
N THR E 1 -8.44 -14.15 9.67
CA THR E 1 -7.50 -13.37 10.45
C THR E 1 -8.02 -13.12 11.86
N ASN E 2 -8.62 -14.15 12.45
CA ASN E 2 -9.18 -14.05 13.80
C ASN E 2 -9.18 -15.44 14.40
N LEU E 3 -8.26 -15.69 15.34
CA LEU E 3 -8.14 -16.98 16.00
C LEU E 3 -8.47 -16.88 17.49
N SER E 4 -9.27 -15.90 17.87
CA SER E 4 -9.70 -15.79 19.27
C SER E 4 -10.59 -16.96 19.64
N VAL E 5 -10.41 -17.45 20.88
CA VAL E 5 -11.22 -18.54 21.39
C VAL E 5 -12.31 -17.95 22.28
N PRO E 6 -13.52 -17.74 21.74
CA PRO E 6 -14.51 -16.96 22.48
C PRO E 6 -14.99 -17.67 23.73
N ASN E 7 -15.39 -16.85 24.71
CA ASN E 7 -15.98 -17.33 25.96
C ASN E 7 -17.46 -16.98 25.96
N PRO E 8 -18.36 -17.97 26.09
CA PRO E 8 -19.80 -17.64 26.03
C PRO E 8 -20.24 -16.61 27.05
N LEU E 9 -19.68 -16.63 28.25
CA LEU E 9 -20.00 -15.65 29.29
C LEU E 9 -19.01 -14.49 29.26
N GLY E 10 -18.91 -13.83 28.11
CA GLY E 10 -17.98 -12.74 27.94
C GLY E 10 -18.63 -11.55 27.27
N PHE E 11 -18.06 -10.38 27.56
CA PHE E 11 -18.54 -9.14 26.94
C PHE E 11 -17.39 -8.21 26.54
N PHE E 12 -16.15 -8.65 26.64
CA PHE E 12 -14.98 -7.88 26.25
C PHE E 12 -14.09 -8.75 25.37
N PRO E 13 -13.24 -8.12 24.54
CA PRO E 13 -12.36 -8.92 23.67
C PRO E 13 -11.42 -9.83 24.44
N ASP E 14 -10.95 -9.41 25.61
CA ASP E 14 -10.02 -10.22 26.40
C ASP E 14 -10.75 -11.13 27.37
N HIS E 15 -11.71 -11.89 26.86
CA HIS E 15 -12.40 -12.94 27.62
C HIS E 15 -12.34 -14.19 26.74
N GLN E 16 -11.26 -14.95 26.86
CA GLN E 16 -11.02 -16.10 26.00
C GLN E 16 -10.58 -17.29 26.83
N LEU E 17 -10.91 -18.48 26.34
CA LEU E 17 -10.58 -19.72 27.04
C LEU E 17 -9.16 -20.16 26.73
N ASP E 18 -8.18 -19.27 26.93
CA ASP E 18 -6.79 -19.59 26.71
C ASP E 18 -6.08 -19.72 28.05
N PRO E 19 -5.55 -20.90 28.39
CA PRO E 19 -4.89 -21.05 29.70
C PRO E 19 -3.71 -20.10 29.88
N ALA E 20 -2.99 -19.77 28.81
CA ALA E 20 -1.88 -18.83 28.93
C ALA E 20 -2.37 -17.43 29.29
N PHE E 21 -3.62 -17.11 28.93
CA PHE E 21 -4.21 -15.80 29.22
C PHE E 21 -3.34 -14.67 28.69
N GLY E 22 -2.86 -14.83 27.46
CA GLY E 22 -2.03 -13.81 26.84
C GLY E 22 -2.78 -12.61 26.31
N ALA E 23 -4.10 -12.71 26.16
CA ALA E 23 -4.88 -11.56 25.71
C ALA E 23 -4.85 -10.42 26.72
N ASN E 24 -4.92 -10.76 28.02
CA ASN E 24 -4.88 -9.73 29.05
C ASN E 24 -3.49 -9.12 29.22
N SER E 25 -2.44 -9.84 28.86
CA SER E 25 -1.09 -9.36 29.03
C SER E 25 -0.68 -8.52 27.80
N ASN E 26 0.60 -8.19 27.70
CA ASN E 26 1.11 -7.49 26.54
C ASN E 26 1.13 -8.44 25.34
N ASN E 27 1.59 -7.92 24.20
CA ASN E 27 1.73 -8.56 22.89
C ASN E 27 0.68 -9.65 22.66
N PRO E 28 -0.62 -9.31 22.72
CA PRO E 28 -1.65 -10.34 22.56
C PRO E 28 -1.77 -10.80 21.12
N ASP E 29 -1.45 -12.07 20.86
CA ASP E 29 -1.43 -12.60 19.49
C ASP E 29 -2.73 -13.37 19.24
N TRP E 30 -3.80 -12.61 18.99
CA TRP E 30 -5.08 -13.19 18.64
C TRP E 30 -5.78 -12.49 17.48
N ASP E 31 -5.30 -11.33 17.04
CA ASP E 31 -5.87 -10.65 15.87
C ASP E 31 -4.74 -10.38 14.87
N PHE E 32 -4.69 -11.19 13.82
CA PHE E 32 -3.69 -11.02 12.77
C PHE E 32 -4.28 -10.22 11.60
N ASN E 33 -4.78 -9.03 11.93
CA ASN E 33 -5.36 -8.11 10.95
C ASN E 33 -4.85 -6.71 11.22
N PRO E 34 -3.58 -6.43 10.90
CA PRO E 34 -3.05 -5.08 11.13
C PRO E 34 -3.61 -4.03 10.20
N ASN E 35 -4.26 -4.43 9.11
CA ASN E 35 -4.78 -3.50 8.10
C ASN E 35 -6.25 -3.23 8.42
N LYS E 36 -6.47 -2.40 9.42
CA LYS E 36 -7.82 -2.07 9.86
C LYS E 36 -8.49 -1.14 8.84
N ASP E 37 -9.78 -0.88 9.05
CA ASP E 37 -10.58 -0.09 8.13
C ASP E 37 -11.09 1.15 8.83
N HIS E 38 -10.62 2.32 8.38
CA HIS E 38 -10.98 3.61 8.95
C HIS E 38 -12.18 4.24 8.26
N TRP E 39 -13.14 3.44 7.80
CA TRP E 39 -14.04 3.87 6.74
C TRP E 39 -14.79 5.14 7.14
N PRO E 40 -14.88 6.14 6.25
CA PRO E 40 -15.53 7.40 6.61
C PRO E 40 -17.05 7.31 6.65
N GLU E 41 -17.64 6.27 6.08
CA GLU E 41 -19.09 6.09 6.12
C GLU E 41 -19.53 5.38 7.40
N ALA E 42 -19.08 5.92 8.54
CA ALA E 42 -19.42 5.37 9.85
C ALA E 42 -20.23 6.33 10.69
N ASN E 43 -20.54 7.52 10.19
CA ASN E 43 -21.41 8.47 10.87
C ASN E 43 -22.63 8.84 10.03
N LYS E 44 -22.86 8.14 8.93
CA LYS E 44 -23.95 8.42 8.02
C LYS E 44 -25.09 7.44 8.27
N VAL E 45 -26.30 7.97 8.47
CA VAL E 45 -27.44 7.13 8.80
C VAL E 45 -27.82 6.21 7.66
N GLY E 46 -27.46 6.54 6.43
CA GLY E 46 -27.78 5.71 5.28
C GLY E 46 -27.01 4.40 5.26
#